data_5S89
#
_entry.id   5S89
#
_cell.length_a   127.165
_cell.length_b   84.884
_cell.length_c   87.916
_cell.angle_alpha   90.000
_cell.angle_beta   130.960
_cell.angle_gamma   90.000
#
_symmetry.space_group_name_H-M   'C 1 2 1'
#
loop_
_entity.id
_entity.type
_entity.pdbx_description
1 polymer 'Activin receptor type-1'
2 non-polymer 4-methyl-3-[4-(1-methylpiperidin-4-yl)phenyl]-5-(3,4,5-trimethoxyphenyl)pyridine
3 non-polymer 1,2-ETHANEDIOL
4 non-polymer 'DIMETHYL SULFOXIDE'
5 non-polymer (2R)-2-aminobutanamide
6 non-polymer 'SULFATE ION'
7 water water
#
_entity_poly.entity_id   1
_entity_poly.type   'polypeptide(L)'
_entity_poly.pdbx_seq_one_letter_code
;SMQRTVARDITLLECVGKGRYGEVWRGSWQGENVAVKIFSSRDEKSWFRETELYNTVMLRHENILGFIASDMTSRHSSTQ
LWLITHYHEMGSLYDYLQLTTLDTVSCLRIVLSIASGLAHLHIEIFGTQGKPAIAHRDLKSKNILVKKNGQCCIADLGLA
VMHSQSTNQLDVGNNPRVGTKRYMAPEVLDETIQVDCFDSYKRVDIWAFGLVLWEVARRMVSNGIVEDYKPPFYDVVPND
PSFEDMRKVVCVDQQRPNIPNRWFSDPTLTSLAKLMKECWYQNPSARLTALRIKKTLTKID
;
_entity_poly.pdbx_strand_id   A,B
#
loop_
_chem_comp.id
_chem_comp.type
_chem_comp.name
_chem_comp.formula
DMS non-polymer 'DIMETHYL SULFOXIDE' 'C2 H6 O S'
EDO non-polymer 1,2-ETHANEDIOL 'C2 H6 O2'
LU8 non-polymer 4-methyl-3-[4-(1-methylpiperidin-4-yl)phenyl]-5-(3,4,5-trimethoxyphenyl)pyridine 'C27 H32 N2 O3'
SO4 non-polymer 'SULFATE ION' 'O4 S -2'
XKV non-polymer (2R)-2-aminobutanamide 'C4 H10 N2 O'
#
# COMPACT_ATOMS: atom_id res chain seq x y z
N ARG A 4 -15.36 -5.62 38.96
CA ARG A 4 -14.04 -6.12 38.52
C ARG A 4 -12.93 -5.16 38.97
N THR A 5 -11.75 -5.71 39.18
CA THR A 5 -10.55 -4.98 39.63
C THR A 5 -9.87 -4.42 38.39
N VAL A 6 -9.55 -3.12 38.42
CA VAL A 6 -8.79 -2.45 37.35
C VAL A 6 -7.42 -2.13 37.95
N ALA A 7 -6.45 -3.01 37.65
CA ALA A 7 -5.06 -2.85 38.13
C ALA A 7 -4.37 -1.76 37.31
N ARG A 8 -4.03 -0.68 37.98
CA ARG A 8 -3.44 0.52 37.36
C ARG A 8 -2.05 0.75 37.95
N ASP A 9 -1.67 0.02 38.99
CA ASP A 9 -0.32 0.22 39.59
C ASP A 9 0.71 -0.09 38.51
N ILE A 10 1.66 0.81 38.29
CA ILE A 10 2.87 0.54 37.48
C ILE A 10 4.06 0.73 38.40
N THR A 11 4.92 -0.27 38.52
CA THR A 11 6.17 -0.15 39.32
C THR A 11 7.26 0.47 38.44
N LEU A 12 7.79 1.63 38.84
CA LEU A 12 8.83 2.35 38.08
C LEU A 12 10.16 1.78 38.56
N LEU A 13 10.91 1.13 37.67
CA LEU A 13 12.06 0.30 38.08
C LEU A 13 13.37 1.04 37.83
N GLU A 14 13.52 1.67 36.68
CA GLU A 14 14.78 2.40 36.40
C GLU A 14 14.51 3.48 35.37
N CYS A 15 15.16 4.60 35.59
CA CYS A 15 15.14 5.73 34.66
C CYS A 15 16.07 5.41 33.49
N VAL A 16 15.51 5.42 32.28
CA VAL A 16 16.26 5.13 31.03
C VAL A 16 16.43 6.40 30.20
N GLY A 17 15.92 7.54 30.66
CA GLY A 17 16.03 8.80 29.93
C GLY A 17 15.60 9.96 30.80
N LYS A 18 16.36 11.05 30.75
CA LYS A 18 16.02 12.28 31.49
C LYS A 18 16.42 13.41 30.57
N GLY A 19 15.57 14.42 30.41
CA GLY A 19 15.83 15.55 29.53
C GLY A 19 14.90 16.70 29.83
N ARG A 20 14.84 17.67 28.92
CA ARG A 20 13.93 18.83 29.07
C ARG A 20 12.48 18.29 28.99
N TYR A 21 12.28 17.16 28.32
CA TYR A 21 10.93 16.54 28.09
C TYR A 21 10.35 15.98 29.40
N GLY A 22 11.18 15.76 30.42
CA GLY A 22 10.82 14.96 31.60
C GLY A 22 11.68 13.75 31.71
N GLU A 23 11.09 12.58 31.95
CA GLU A 23 11.86 11.33 32.16
C GLU A 23 11.19 10.17 31.44
N VAL A 24 11.94 9.14 31.06
CA VAL A 24 11.34 7.83 30.67
C VAL A 24 11.85 6.78 31.63
N TRP A 25 10.95 5.96 32.09
CA TRP A 25 11.20 4.85 33.04
C TRP A 25 10.84 3.54 32.39
N ARG A 26 11.66 2.52 32.66
CA ARG A 26 11.22 1.14 32.51
C ARG A 26 10.28 0.87 33.68
N GLY A 27 9.10 0.39 33.41
CA GLY A 27 8.16 0.04 34.47
C GLY A 27 7.67 -1.34 34.26
N SER A 28 6.93 -1.81 35.24
CA SER A 28 6.35 -3.15 35.22
C SER A 28 4.86 -2.99 35.50
N TRP A 29 4.04 -3.57 34.63
CA TRP A 29 2.59 -3.77 34.87
C TRP A 29 2.25 -5.23 34.69
N GLN A 30 1.70 -5.89 35.72
CA GLN A 30 1.20 -7.29 35.66
C GLN A 30 2.30 -8.16 35.06
N GLY A 31 3.53 -7.97 35.54
CA GLY A 31 4.68 -8.83 35.20
C GLY A 31 5.41 -8.42 33.93
N GLU A 32 4.90 -7.42 33.19
CA GLU A 32 5.31 -7.10 31.78
C GLU A 32 6.03 -5.74 31.78
N ASN A 33 7.09 -5.61 31.00
CA ASN A 33 7.79 -4.31 30.88
C ASN A 33 6.88 -3.37 30.07
N VAL A 34 6.82 -2.17 30.55
CA VAL A 34 6.25 -1.01 29.82
C VAL A 34 7.26 0.12 29.96
N ALA A 35 7.15 1.10 29.07
CA ALA A 35 7.90 2.36 29.12
C ALA A 35 6.96 3.46 29.58
N VAL A 36 7.37 4.26 30.55
CA VAL A 36 6.53 5.33 31.10
C VAL A 36 7.26 6.65 30.91
N LYS A 37 6.72 7.51 30.07
CA LYS A 37 7.22 8.87 29.89
C LYS A 37 6.44 9.78 30.83
N ILE A 38 7.16 10.43 31.72
CA ILE A 38 6.62 11.39 32.70
C ILE A 38 6.95 12.77 32.15
N PHE A 39 5.97 13.59 31.82
CA PHE A 39 6.18 14.87 31.13
C PHE A 39 6.56 15.96 32.11
N SER A 40 7.56 16.75 31.72
CA SER A 40 7.85 18.05 32.33
C SER A 40 6.71 19.03 32.11
N SER A 41 6.67 20.11 32.88
CA SER A 41 5.73 21.22 32.62
C SER A 41 6.08 21.84 31.27
N ARG A 42 7.37 21.90 30.91
CA ARG A 42 7.87 22.43 29.62
C ARG A 42 7.14 21.75 28.46
N ASP A 43 6.89 20.45 28.59
CA ASP A 43 6.47 19.64 27.44
C ASP A 43 5.01 19.15 27.60
N GLU A 44 4.18 19.74 28.45
CA GLU A 44 2.78 19.25 28.67
C GLU A 44 2.06 19.21 27.33
N LYS A 45 2.27 20.13 26.41
CA LYS A 45 1.47 20.15 25.17
C LYS A 45 1.79 18.92 24.33
N SER A 46 2.96 18.34 24.45
CA SER A 46 3.29 17.09 23.69
C SER A 46 2.38 15.98 24.19
N TRP A 47 2.09 15.88 25.48
CA TRP A 47 1.19 14.83 26.01
C TRP A 47 -0.19 15.04 25.41
N PHE A 48 -0.66 16.27 25.43
CA PHE A 48 -2.00 16.58 24.90
C PHE A 48 -2.10 16.23 23.42
N ARG A 49 -1.11 16.61 22.62
CA ARG A 49 -1.13 16.35 21.17
C ARG A 49 -1.11 14.87 20.88
N GLU A 50 -0.25 14.12 21.53
CA GLU A 50 -0.18 12.68 21.25
C GLU A 50 -1.46 11.98 21.72
N THR A 51 -2.00 12.41 22.86
CA THR A 51 -3.22 11.84 23.41
C THR A 51 -4.38 12.15 22.46
N GLU A 52 -4.45 13.38 21.97
CA GLU A 52 -5.52 13.73 21.02
C GLU A 52 -5.41 12.87 19.76
N LEU A 53 -4.19 12.65 19.27
CA LEU A 53 -4.01 11.85 18.04
C LEU A 53 -4.50 10.41 18.29
N TYR A 54 -4.06 9.79 19.38
CA TYR A 54 -4.44 8.39 19.66
C TYR A 54 -5.93 8.28 20.00
N ASN A 55 -6.55 9.34 20.51
CA ASN A 55 -8.02 9.35 20.72
C ASN A 55 -8.72 9.43 19.38
N THR A 56 -8.09 9.96 18.37
CA THR A 56 -8.65 10.07 17.00
C THR A 56 -8.42 8.78 16.22
N VAL A 57 -7.23 8.22 16.29
CA VAL A 57 -6.86 7.01 15.52
C VAL A 57 -5.95 6.16 16.37
N MET A 58 -6.32 4.91 16.62
CA MET A 58 -5.50 4.00 17.41
C MET A 58 -4.47 3.36 16.47
N LEU A 59 -3.34 4.02 16.28
CA LEU A 59 -2.32 3.49 15.35
C LEU A 59 -1.85 2.15 15.87
N ARG A 60 -1.71 1.18 14.96
CA ARG A 60 -1.16 -0.14 15.29
C ARG A 60 -0.30 -0.55 14.13
N HIS A 61 0.99 -0.52 14.28
CA HIS A 61 1.92 -0.89 13.20
C HIS A 61 3.21 -1.36 13.85
N GLU A 62 3.85 -2.36 13.28
CA GLU A 62 5.08 -2.95 13.82
C GLU A 62 6.21 -1.94 13.91
N ASN A 63 6.18 -0.88 13.11
CA ASN A 63 7.28 0.11 13.08
C ASN A 63 6.87 1.46 13.67
N ILE A 64 5.81 1.45 14.47
N ILE A 64 5.83 1.45 14.49
CA ILE A 64 5.35 2.62 15.29
CA ILE A 64 5.40 2.62 15.30
C ILE A 64 5.35 2.18 16.75
C ILE A 64 5.33 2.19 16.76
N LEU A 65 5.98 2.93 17.64
CA LEU A 65 6.02 2.54 19.07
C LEU A 65 4.60 2.30 19.57
N GLY A 66 4.40 1.16 20.20
CA GLY A 66 3.01 0.74 20.53
C GLY A 66 2.44 1.44 21.72
N PHE A 67 1.31 2.10 21.50
CA PHE A 67 0.60 2.81 22.57
C PHE A 67 -0.01 1.81 23.54
N ILE A 68 0.05 2.16 24.82
CA ILE A 68 -0.72 1.44 25.85
C ILE A 68 -1.69 2.39 26.54
N ALA A 69 -1.24 3.53 27.02
CA ALA A 69 -2.14 4.38 27.80
C ALA A 69 -1.65 5.82 27.88
N SER A 70 -2.57 6.73 28.07
CA SER A 70 -2.34 8.14 28.48
C SER A 70 -3.00 8.33 29.83
N ASP A 71 -2.24 8.76 30.84
CA ASP A 71 -2.76 8.90 32.20
C ASP A 71 -2.54 10.31 32.68
N MET A 72 -3.59 10.95 33.16
CA MET A 72 -3.53 12.23 33.91
C MET A 72 -3.99 12.01 35.35
N THR A 73 -3.14 12.32 36.32
CA THR A 73 -3.45 12.12 37.75
C THR A 73 -3.39 13.49 38.44
N SER A 74 -4.45 13.84 39.17
CA SER A 74 -4.52 15.05 40.03
C SER A 74 -3.54 14.90 41.19
N ARG A 75 -2.65 15.87 41.39
CA ARG A 75 -1.84 16.01 42.64
C ARG A 75 -2.28 17.29 43.36
N HIS A 76 -1.80 17.51 44.59
CA HIS A 76 -2.20 18.65 45.47
C HIS A 76 -2.13 19.97 44.68
N SER A 77 -1.00 20.26 44.03
CA SER A 77 -0.79 21.57 43.35
C SER A 77 -0.24 21.38 41.93
N SER A 78 -0.33 20.18 41.35
CA SER A 78 0.09 19.94 39.95
C SER A 78 -0.77 18.85 39.32
N THR A 79 -0.68 18.72 38.00
CA THR A 79 -1.24 17.58 37.24
C THR A 79 -0.06 16.72 36.78
N GLN A 80 -0.10 15.42 36.97
CA GLN A 80 0.96 14.49 36.49
C GLN A 80 0.49 13.82 35.21
N LEU A 81 1.33 13.85 34.19
CA LEU A 81 0.99 13.34 32.84
C LEU A 81 1.96 12.25 32.48
N TRP A 82 1.43 11.06 32.23
CA TRP A 82 2.22 9.89 31.82
C TRP A 82 1.75 9.36 30.47
N LEU A 83 2.68 9.01 29.59
CA LEU A 83 2.39 8.22 28.39
C LEU A 83 3.02 6.88 28.59
N ILE A 84 2.26 5.81 28.42
CA ILE A 84 2.75 4.43 28.62
C ILE A 84 2.74 3.72 27.28
N THR A 85 3.88 3.12 26.94
CA THR A 85 4.07 2.45 25.64
C THR A 85 4.73 1.11 25.87
N HIS A 86 4.82 0.33 24.80
N HIS A 86 4.84 0.35 24.80
CA HIS A 86 5.73 -0.82 24.71
CA HIS A 86 5.73 -0.83 24.84
C HIS A 86 7.14 -0.41 25.16
C HIS A 86 7.16 -0.41 25.15
N TYR A 87 7.91 -1.35 25.70
CA TYR A 87 9.30 -1.12 26.12
C TYR A 87 10.22 -1.91 25.19
N HIS A 88 11.23 -1.19 24.68
CA HIS A 88 12.26 -1.79 23.80
C HIS A 88 13.61 -1.72 24.48
N GLU A 89 14.03 -2.88 25.04
CA GLU A 89 15.20 -2.86 25.94
C GLU A 89 16.50 -2.45 25.22
N MET A 90 16.58 -2.58 23.90
CA MET A 90 17.80 -2.23 23.18
C MET A 90 17.98 -0.71 23.10
N GLY A 91 16.92 0.07 23.37
CA GLY A 91 16.97 1.52 23.40
C GLY A 91 16.92 2.15 22.02
N SER A 92 17.37 3.39 21.94
CA SER A 92 17.19 4.16 20.71
C SER A 92 18.23 3.78 19.66
N LEU A 93 17.91 4.04 18.42
CA LEU A 93 18.86 3.87 17.31
C LEU A 93 20.11 4.73 17.55
N TYR A 94 19.94 5.95 18.02
CA TYR A 94 21.07 6.82 18.35
C TYR A 94 22.05 6.11 19.30
N ASP A 95 21.58 5.51 20.37
N ASP A 95 21.49 5.55 20.37
CA ASP A 95 22.56 4.88 21.29
CA ASP A 95 22.23 4.77 21.40
C ASP A 95 23.05 3.55 20.68
C ASP A 95 22.96 3.60 20.73
N TYR A 96 22.20 2.81 19.98
CA TYR A 96 22.61 1.53 19.39
C TYR A 96 23.79 1.77 18.43
N LEU A 97 23.72 2.81 17.62
CA LEU A 97 24.76 3.06 16.59
C LEU A 97 26.07 3.50 17.25
N GLN A 98 26.09 3.92 18.49
CA GLN A 98 27.35 4.46 19.11
C GLN A 98 28.43 3.38 19.14
N LEU A 99 28.03 2.16 19.46
CA LEU A 99 28.93 0.98 19.71
C LEU A 99 28.81 -0.03 18.58
N THR A 100 27.62 -0.20 17.97
CA THR A 100 27.33 -1.32 17.08
C THR A 100 27.67 -0.93 15.64
N THR A 101 28.36 -1.81 14.93
CA THR A 101 28.46 -1.73 13.46
C THR A 101 27.50 -2.72 12.82
N LEU A 102 27.20 -2.56 11.54
CA LEU A 102 26.12 -3.26 10.83
C LEU A 102 26.69 -3.98 9.64
N ASP A 103 26.11 -5.11 9.30
CA ASP A 103 26.31 -5.71 7.97
C ASP A 103 25.22 -5.24 7.00
N THR A 104 25.26 -5.66 5.78
CA THR A 104 24.36 -5.21 4.72
C THR A 104 22.92 -5.56 5.12
N VAL A 105 22.70 -6.79 5.54
CA VAL A 105 21.33 -7.25 5.88
C VAL A 105 20.78 -6.40 7.02
N SER A 106 21.56 -6.17 8.07
N SER A 106 21.53 -6.18 8.10
CA SER A 106 21.10 -5.46 9.30
CA SER A 106 21.03 -5.43 9.27
C SER A 106 20.92 -3.97 9.05
C SER A 106 20.78 -3.98 8.85
N CYS A 107 21.72 -3.37 8.17
CA CYS A 107 21.55 -1.98 7.72
C CYS A 107 20.24 -1.86 6.96
N LEU A 108 19.99 -2.68 5.94
CA LEU A 108 18.79 -2.54 5.12
C LEU A 108 17.54 -2.81 6.00
N ARG A 109 17.61 -3.78 6.88
CA ARG A 109 16.42 -4.12 7.71
C ARG A 109 16.07 -2.89 8.54
N ILE A 110 17.05 -2.24 9.14
CA ILE A 110 16.82 -1.02 9.95
C ILE A 110 16.20 0.04 9.06
N VAL A 111 16.80 0.36 7.93
CA VAL A 111 16.27 1.54 7.21
C VAL A 111 14.92 1.24 6.53
N LEU A 112 14.72 0.02 6.04
CA LEU A 112 13.40 -0.29 5.45
C LEU A 112 12.32 -0.29 6.55
N SER A 113 12.64 -0.71 7.79
CA SER A 113 11.63 -0.69 8.84
C SER A 113 11.25 0.76 9.18
N ILE A 114 12.23 1.67 9.16
CA ILE A 114 11.91 3.07 9.44
C ILE A 114 11.03 3.63 8.33
N ALA A 115 11.41 3.38 7.07
CA ALA A 115 10.63 3.84 5.91
C ALA A 115 9.19 3.29 5.97
N SER A 116 9.06 2.06 6.42
N SER A 116 9.04 2.04 6.42
CA SER A 116 7.74 1.40 6.55
CA SER A 116 7.71 1.40 6.54
C SER A 116 6.88 2.13 7.59
C SER A 116 6.88 2.12 7.60
N GLY A 117 7.47 2.42 8.76
CA GLY A 117 6.74 3.17 9.79
C GLY A 117 6.36 4.53 9.26
N LEU A 118 7.28 5.20 8.59
CA LEU A 118 7.05 6.57 8.12
C LEU A 118 5.97 6.61 7.04
N ALA A 119 6.02 5.66 6.09
CA ALA A 119 4.99 5.62 5.05
C ALA A 119 3.63 5.33 5.71
N HIS A 120 3.61 4.50 6.75
CA HIS A 120 2.32 4.23 7.43
C HIS A 120 1.79 5.51 8.04
N LEU A 121 2.64 6.30 8.68
CA LEU A 121 2.17 7.60 9.21
C LEU A 121 1.64 8.47 8.09
N HIS A 122 2.41 8.62 7.03
CA HIS A 122 2.10 9.60 5.97
C HIS A 122 0.80 9.25 5.21
N ILE A 123 0.44 7.98 5.08
CA ILE A 123 -0.64 7.62 4.11
C ILE A 123 -2.01 7.78 4.75
N GLU A 124 -2.96 8.42 4.07
CA GLU A 124 -4.37 8.39 4.50
C GLU A 124 -4.99 7.05 4.08
N ILE A 125 -5.68 6.38 4.99
CA ILE A 125 -6.43 5.12 4.68
C ILE A 125 -7.90 5.43 4.90
N PHE A 126 -8.74 5.20 3.88
CA PHE A 126 -10.20 5.50 3.93
C PHE A 126 -10.95 4.31 4.53
N GLY A 127 -12.09 4.58 5.16
CA GLY A 127 -13.14 3.59 5.48
C GLY A 127 -12.82 2.76 6.71
N GLY A 130 -9.61 2.89 8.91
CA GLY A 130 -8.62 3.73 8.23
C GLY A 130 -7.90 4.67 9.20
N LYS A 131 -7.31 5.73 8.65
CA LYS A 131 -6.49 6.68 9.45
C LYS A 131 -6.33 7.95 8.63
N PRO A 132 -6.23 9.11 9.29
CA PRO A 132 -5.79 10.32 8.64
C PRO A 132 -4.28 10.21 8.31
N ALA A 133 -3.84 10.96 7.32
CA ALA A 133 -2.42 11.18 7.05
C ALA A 133 -1.85 11.87 8.28
N ILE A 134 -0.60 11.53 8.61
CA ILE A 134 0.11 12.07 9.80
C ILE A 134 1.54 12.42 9.37
N ALA A 135 1.98 13.61 9.72
CA ALA A 135 3.42 13.97 9.66
C ALA A 135 4.00 14.03 11.07
N HIS A 136 5.21 13.52 11.25
CA HIS A 136 5.86 13.31 12.56
C HIS A 136 6.39 14.63 13.13
N ARG A 137 7.19 15.33 12.34
CA ARG A 137 7.72 16.68 12.60
C ARG A 137 8.91 16.66 13.57
N ASP A 138 9.37 15.52 14.07
CA ASP A 138 10.65 15.51 14.83
C ASP A 138 11.33 14.16 14.63
N LEU A 139 11.45 13.75 13.37
CA LEU A 139 12.09 12.45 13.11
C LEU A 139 13.60 12.58 13.27
N LYS A 140 14.22 11.67 14.00
CA LYS A 140 15.67 11.70 14.27
C LYS A 140 16.02 10.38 14.93
N SER A 141 17.31 10.07 15.05
CA SER A 141 17.75 8.75 15.55
C SER A 141 17.39 8.56 17.03
N LYS A 142 17.27 9.62 17.83
CA LYS A 142 16.81 9.45 19.23
C LYS A 142 15.32 9.13 19.31
N ASN A 143 14.55 9.37 18.26
CA ASN A 143 13.09 9.10 18.24
C ASN A 143 12.81 7.82 17.48
N ILE A 144 13.78 6.93 17.37
CA ILE A 144 13.63 5.59 16.73
C ILE A 144 14.17 4.58 17.72
N LEU A 145 13.39 3.52 18.01
CA LEU A 145 13.86 2.46 18.93
CA LEU A 145 13.82 2.45 18.94
C LEU A 145 14.19 1.20 18.15
N VAL A 146 15.14 0.45 18.64
CA VAL A 146 15.59 -0.81 18.04
C VAL A 146 14.89 -1.97 18.75
N LYS A 147 14.29 -2.83 17.95
CA LYS A 147 13.62 -4.05 18.46
C LYS A 147 14.56 -5.25 18.35
N LYS A 148 14.27 -6.27 19.15
CA LYS A 148 15.13 -7.47 19.19
C LYS A 148 15.12 -8.20 17.86
N ASN A 149 14.07 -8.07 17.04
CA ASN A 149 14.01 -8.76 15.74
C ASN A 149 14.77 -7.98 14.66
N GLY A 150 15.42 -6.88 15.01
CA GLY A 150 16.28 -6.18 14.04
C GLY A 150 15.56 -5.07 13.32
N GLN A 151 14.26 -4.95 13.43
CA GLN A 151 13.49 -3.83 12.90
C GLN A 151 13.49 -2.74 13.95
N CYS A 152 13.15 -1.54 13.50
CA CYS A 152 12.97 -0.39 14.40
C CYS A 152 11.53 0.05 14.46
N CYS A 153 11.22 0.95 15.39
CA CYS A 153 9.91 1.63 15.46
C CYS A 153 10.12 3.10 15.73
N ILE A 154 9.26 3.89 15.12
CA ILE A 154 9.27 5.35 15.27
C ILE A 154 8.50 5.71 16.54
N ALA A 155 9.07 6.61 17.33
CA ALA A 155 8.52 7.06 18.62
C ALA A 155 8.29 8.58 18.59
N ASP A 156 7.45 9.02 19.52
CA ASP A 156 7.22 10.44 19.95
C ASP A 156 6.36 11.14 18.92
N LEU A 157 5.06 11.11 19.11
CA LEU A 157 4.12 11.84 18.24
C LEU A 157 3.62 13.12 18.91
N GLY A 158 4.45 13.65 19.79
CA GLY A 158 4.10 14.88 20.52
C GLY A 158 4.06 16.12 19.69
N LEU A 159 4.66 16.14 18.50
N LEU A 159 4.64 16.11 18.49
CA LEU A 159 4.60 17.28 17.55
CA LEU A 159 4.63 17.26 17.57
C LEU A 159 3.82 16.91 16.28
C LEU A 159 3.86 16.91 16.29
N ALA A 160 3.25 15.70 16.23
CA ALA A 160 2.66 15.19 14.97
C ALA A 160 1.43 16.00 14.60
N VAL A 161 1.20 16.11 13.31
CA VAL A 161 0.03 16.78 12.73
C VAL A 161 -0.75 15.78 11.89
N MET A 162 -2.07 15.86 11.96
CA MET A 162 -3.01 15.02 11.20
C MET A 162 -3.64 15.84 10.07
N HIS A 163 -3.92 15.20 8.96
CA HIS A 163 -4.72 15.75 7.82
C HIS A 163 -5.83 14.76 7.42
N ARG A 177 6.84 23.94 21.21
CA ARG A 177 7.86 22.96 20.72
C ARG A 177 7.98 23.08 19.20
N VAL A 178 9.23 23.05 18.68
CA VAL A 178 9.54 23.08 17.21
C VAL A 178 10.31 21.78 16.96
N GLY A 179 10.59 21.39 15.70
CA GLY A 179 11.48 20.23 15.51
C GLY A 179 12.90 20.46 16.09
N THR A 180 13.66 19.39 16.17
CA THR A 180 15.09 19.44 16.51
C THR A 180 15.83 20.19 15.43
N LYS A 181 16.57 21.24 15.79
CA LYS A 181 17.14 22.17 14.78
CA LYS A 181 17.14 22.17 14.79
C LYS A 181 18.12 21.47 13.84
N ARG A 182 18.93 20.54 14.35
CA ARG A 182 19.94 19.85 13.53
C ARG A 182 19.28 19.14 12.35
N TYR A 183 18.04 18.69 12.53
CA TYR A 183 17.30 17.90 11.52
C TYR A 183 16.35 18.74 10.68
N MET A 184 16.29 20.05 10.88
CA MET A 184 15.30 20.89 10.16
C MET A 184 15.65 21.03 8.69
N ALA A 185 14.59 20.87 7.86
CA ALA A 185 14.73 21.05 6.41
C ALA A 185 14.99 22.51 6.06
N PRO A 186 15.53 22.76 4.86
CA PRO A 186 15.83 24.13 4.46
C PRO A 186 14.63 25.08 4.52
N GLU A 187 13.46 24.60 4.12
CA GLU A 187 12.24 25.45 4.07
C GLU A 187 11.79 25.80 5.47
N VAL A 188 12.13 25.01 6.49
CA VAL A 188 11.83 25.38 7.89
C VAL A 188 12.80 26.46 8.30
N LEU A 189 14.06 26.29 7.98
CA LEU A 189 15.13 27.25 8.40
C LEU A 189 14.99 28.60 7.70
N ASP A 190 14.53 28.65 6.48
CA ASP A 190 14.40 29.93 5.74
C ASP A 190 12.95 30.40 5.78
N GLU A 191 12.07 29.69 6.44
CA GLU A 191 10.66 30.13 6.74
C GLU A 191 9.90 30.25 5.42
N THR A 192 10.25 29.50 4.39
CA THR A 192 9.47 29.46 3.12
C THR A 192 8.52 28.27 3.09
N ILE A 193 8.52 27.45 4.13
CA ILE A 193 7.61 26.28 4.15
C ILE A 193 6.16 26.76 3.93
N GLN A 194 5.46 26.02 3.06
CA GLN A 194 4.02 26.24 2.68
C GLN A 194 3.17 25.62 3.80
N VAL A 195 2.95 26.36 4.88
CA VAL A 195 2.38 25.91 6.19
C VAL A 195 0.90 25.51 6.07
N ASP A 196 0.24 25.87 4.96
CA ASP A 196 -1.20 25.58 4.70
C ASP A 196 -1.32 24.34 3.80
N CYS A 197 -0.22 23.62 3.59
CA CYS A 197 -0.16 22.48 2.66
C CYS A 197 0.33 21.30 3.48
N PHE A 198 -0.53 20.34 3.76
CA PHE A 198 -0.10 19.20 4.59
C PHE A 198 1.11 18.53 3.92
N ASP A 199 1.20 18.46 2.62
CA ASP A 199 2.32 17.73 1.96
C ASP A 199 3.64 18.40 2.40
N SER A 200 3.62 19.66 2.73
CA SER A 200 4.86 20.33 3.20
C SER A 200 5.43 19.58 4.37
N TYR A 201 4.61 19.07 5.27
CA TYR A 201 5.09 18.46 6.50
C TYR A 201 5.63 17.08 6.19
N LYS A 202 5.02 16.37 5.25
N LYS A 202 5.03 16.38 5.24
CA LYS A 202 5.59 15.08 4.81
CA LYS A 202 5.61 15.09 4.81
C LYS A 202 6.99 15.34 4.26
C LYS A 202 7.02 15.36 4.28
N ARG A 203 7.20 16.41 3.47
CA ARG A 203 8.51 16.62 2.83
C ARG A 203 9.57 17.02 3.89
N VAL A 204 9.18 17.67 4.97
CA VAL A 204 10.12 17.94 6.07
C VAL A 204 10.54 16.63 6.73
N ASP A 205 9.61 15.69 6.88
CA ASP A 205 9.97 14.38 7.47
C ASP A 205 10.94 13.67 6.54
N ILE A 206 10.73 13.71 5.22
CA ILE A 206 11.62 13.01 4.28
C ILE A 206 13.05 13.52 4.36
N TRP A 207 13.24 14.84 4.48
CA TRP A 207 14.58 15.42 4.71
C TRP A 207 15.23 14.79 5.94
N ALA A 208 14.51 14.76 7.05
CA ALA A 208 15.02 14.19 8.30
C ALA A 208 15.32 12.71 8.12
N PHE A 209 14.44 11.97 7.43
CA PHE A 209 14.70 10.56 7.11
C PHE A 209 16.03 10.39 6.36
N GLY A 210 16.30 11.26 5.40
CA GLY A 210 17.56 11.15 4.70
C GLY A 210 18.75 11.31 5.63
N LEU A 211 18.66 12.21 6.59
CA LEU A 211 19.75 12.39 7.61
C LEU A 211 19.92 11.10 8.44
N VAL A 212 18.80 10.50 8.86
CA VAL A 212 18.86 9.26 9.65
C VAL A 212 19.50 8.17 8.78
N LEU A 213 19.12 8.12 7.51
N LEU A 213 19.10 8.08 7.50
CA LEU A 213 19.68 7.09 6.62
CA LEU A 213 19.71 7.09 6.56
C LEU A 213 21.21 7.24 6.57
C LEU A 213 21.23 7.24 6.63
N TRP A 214 21.71 8.49 6.49
CA TRP A 214 23.15 8.79 6.50
C TRP A 214 23.77 8.32 7.80
N GLU A 215 23.15 8.59 8.94
CA GLU A 215 23.70 8.16 10.25
C GLU A 215 23.87 6.65 10.31
N VAL A 216 22.93 5.92 9.76
CA VAL A 216 22.93 4.44 9.83
C VAL A 216 23.97 3.89 8.86
N ALA A 217 23.97 4.41 7.64
CA ALA A 217 24.85 3.89 6.56
C ALA A 217 26.30 4.02 6.98
N ARG A 218 26.68 5.08 7.65
CA ARG A 218 28.06 5.29 8.11
C ARG A 218 28.51 4.06 8.92
N ARG A 219 27.60 3.42 9.64
CA ARG A 219 27.94 2.32 10.58
C ARG A 219 27.89 0.95 9.88
N MET A 220 27.61 0.88 8.61
CA MET A 220 27.61 -0.35 7.80
C MET A 220 29.02 -0.63 7.34
N VAL A 221 29.56 -1.80 7.66
CA VAL A 221 30.96 -2.17 7.28
C VAL A 221 31.00 -2.53 5.80
N SER A 222 32.01 -2.04 5.06
CA SER A 222 32.32 -2.54 3.71
C SER A 222 33.84 -2.58 3.61
N ASN A 223 34.35 -3.66 3.02
N ASN A 223 34.37 -3.69 3.08
CA ASN A 223 35.80 -3.84 2.77
CA ASN A 223 35.82 -3.84 2.80
C ASN A 223 36.58 -3.49 4.05
C ASN A 223 36.60 -3.50 4.06
N GLY A 224 36.10 -3.95 5.22
CA GLY A 224 36.75 -3.77 6.52
C GLY A 224 36.82 -2.33 7.02
N ILE A 225 36.05 -1.44 6.42
CA ILE A 225 35.99 0.00 6.75
C ILE A 225 34.59 0.34 7.33
N VAL A 226 34.60 1.21 8.32
CA VAL A 226 33.34 1.79 8.85
C VAL A 226 33.65 3.20 9.34
N GLU A 227 32.68 4.13 9.29
CA GLU A 227 32.84 5.44 9.93
C GLU A 227 32.38 5.35 11.37
N ASP A 228 32.96 6.16 12.23
CA ASP A 228 32.52 6.36 13.60
C ASP A 228 31.11 6.96 13.58
N TYR A 229 30.33 6.74 14.61
CA TYR A 229 29.01 7.42 14.73
C TYR A 229 29.30 8.91 14.81
N LYS A 230 28.58 9.66 14.01
CA LYS A 230 28.49 11.12 14.18
C LYS A 230 27.08 11.55 13.84
N PRO A 231 26.61 12.63 14.50
CA PRO A 231 25.32 13.21 14.13
C PRO A 231 25.43 14.02 12.86
N PRO A 232 24.30 14.24 12.16
CA PRO A 232 24.33 15.01 10.92
C PRO A 232 24.94 16.40 11.19
N PHE A 233 25.78 16.84 10.26
CA PHE A 233 26.40 18.19 10.26
C PHE A 233 27.42 18.37 11.38
N TYR A 234 27.89 17.27 11.97
CA TYR A 234 28.85 17.32 13.10
C TYR A 234 30.08 18.15 12.72
N ASP A 235 30.45 18.20 11.45
CA ASP A 235 31.69 18.82 11.00
C ASP A 235 31.51 20.29 10.64
N VAL A 236 30.30 20.82 10.68
CA VAL A 236 30.04 22.22 10.21
C VAL A 236 29.23 23.06 11.18
N VAL A 237 28.67 22.49 12.25
CA VAL A 237 27.92 23.29 13.26
C VAL A 237 28.44 22.91 14.62
N PRO A 238 28.18 23.77 15.61
CA PRO A 238 28.52 23.46 16.99
C PRO A 238 27.73 22.30 17.58
N ASN A 239 28.27 21.85 18.73
CA ASN A 239 27.70 20.75 19.51
C ASN A 239 26.25 21.07 19.70
N ASP A 240 25.84 22.32 20.04
CA ASP A 240 24.37 22.57 20.24
C ASP A 240 23.98 23.70 19.30
N PRO A 241 23.69 23.39 18.02
CA PRO A 241 23.67 24.45 17.05
C PRO A 241 22.48 25.39 17.22
N SER A 242 22.68 26.64 16.87
CA SER A 242 21.57 27.60 16.83
C SER A 242 20.76 27.45 15.56
N PHE A 243 19.56 28.00 15.51
CA PHE A 243 18.76 28.09 14.31
C PHE A 243 19.56 28.72 13.20
N GLU A 244 20.23 29.83 13.52
N GLU A 244 20.25 29.85 13.47
CA GLU A 244 21.03 30.59 12.55
CA GLU A 244 21.05 30.56 12.44
C GLU A 244 22.21 29.74 12.03
C GLU A 244 22.23 29.70 11.98
N ASP A 245 22.88 29.00 12.90
CA ASP A 245 23.99 28.10 12.53
C ASP A 245 23.49 27.14 11.45
N MET A 246 22.32 26.56 11.69
CA MET A 246 21.75 25.60 10.74
C MET A 246 21.33 26.26 9.44
N ARG A 247 20.72 27.42 9.51
CA ARG A 247 20.25 28.12 8.30
C ARG A 247 21.44 28.43 7.38
N LYS A 248 22.54 28.89 7.96
CA LYS A 248 23.71 29.26 7.12
CA LYS A 248 23.70 29.26 7.12
C LYS A 248 24.23 28.03 6.39
N VAL A 249 24.33 26.89 7.09
CA VAL A 249 24.87 25.66 6.47
C VAL A 249 23.90 25.18 5.38
N VAL A 250 22.64 24.99 5.79
CA VAL A 250 21.67 24.25 4.95
C VAL A 250 21.09 25.11 3.84
N CYS A 251 20.80 26.39 4.13
CA CYS A 251 20.11 27.30 3.19
C CYS A 251 21.11 28.15 2.44
N VAL A 252 22.01 28.81 3.15
CA VAL A 252 22.86 29.81 2.45
C VAL A 252 23.95 29.09 1.69
N ASP A 253 24.71 28.23 2.36
CA ASP A 253 25.80 27.49 1.66
C ASP A 253 25.28 26.23 0.99
N GLN A 254 24.12 25.74 1.35
CA GLN A 254 23.49 24.55 0.69
C GLN A 254 24.39 23.33 0.89
N GLN A 255 25.05 23.19 2.05
CA GLN A 255 25.83 21.99 2.38
C GLN A 255 24.90 20.80 2.62
N ARG A 256 25.47 19.63 2.39
CA ARG A 256 24.80 18.35 2.68
C ARG A 256 25.82 17.45 3.33
N PRO A 257 25.38 16.41 4.07
CA PRO A 257 26.34 15.50 4.67
C PRO A 257 27.25 14.86 3.63
N ASN A 258 28.51 14.68 4.00
N ASN A 258 28.51 14.65 4.07
CA ASN A 258 29.50 14.14 3.04
CA ASN A 258 29.61 14.03 3.27
C ASN A 258 29.35 12.62 2.96
C ASN A 258 29.26 12.57 2.96
N ILE A 259 29.48 12.13 1.73
CA ILE A 259 29.44 10.69 1.37
C ILE A 259 30.89 10.23 1.15
N PRO A 260 31.41 9.37 2.04
CA PRO A 260 32.78 8.90 1.94
C PRO A 260 33.05 8.14 0.65
N ASN A 261 34.26 8.25 0.11
CA ASN A 261 34.64 7.48 -1.10
C ASN A 261 34.39 5.97 -0.93
N ARG A 262 34.67 5.44 0.26
CA ARG A 262 34.58 3.97 0.44
C ARG A 262 33.18 3.46 0.15
N TRP A 263 32.15 4.29 0.25
CA TRP A 263 30.78 3.82 -0.07
C TRP A 263 30.67 3.38 -1.53
N PHE A 264 31.41 4.02 -2.45
CA PHE A 264 31.25 3.80 -3.88
C PHE A 264 31.90 2.49 -4.32
N SER A 265 32.63 1.79 -3.45
CA SER A 265 33.07 0.39 -3.71
C SER A 265 31.98 -0.61 -3.37
N ASP A 266 30.93 -0.21 -2.66
CA ASP A 266 29.95 -1.18 -2.10
C ASP A 266 28.62 -0.94 -2.77
N PRO A 267 27.95 -1.91 -3.42
CA PRO A 267 26.74 -1.62 -4.16
C PRO A 267 25.59 -1.12 -3.25
N THR A 268 25.50 -1.61 -2.02
CA THR A 268 24.42 -1.21 -1.10
C THR A 268 24.62 0.27 -0.70
N LEU A 269 25.83 0.62 -0.33
CA LEU A 269 26.06 2.01 0.12
C LEU A 269 26.00 2.97 -1.07
N THR A 270 26.37 2.53 -2.28
CA THR A 270 26.21 3.35 -3.48
C THR A 270 24.72 3.65 -3.69
N SER A 271 23.86 2.63 -3.57
CA SER A 271 22.40 2.80 -3.71
C SER A 271 21.84 3.68 -2.57
N LEU A 272 22.31 3.49 -1.35
CA LEU A 272 21.81 4.31 -0.20
C LEU A 272 22.26 5.78 -0.39
N ALA A 273 23.48 6.04 -0.90
CA ALA A 273 23.92 7.43 -1.14
C ALA A 273 22.96 8.09 -2.13
N LYS A 274 22.55 7.40 -3.19
CA LYS A 274 21.62 7.96 -4.18
C LYS A 274 20.32 8.30 -3.49
N LEU A 275 19.84 7.37 -2.66
CA LEU A 275 18.56 7.56 -1.99
C LEU A 275 18.61 8.78 -1.08
N MET A 276 19.67 8.90 -0.29
CA MET A 276 19.71 10.00 0.69
C MET A 276 19.83 11.32 -0.08
N LYS A 277 20.55 11.41 -1.20
CA LYS A 277 20.57 12.62 -2.08
C LYS A 277 19.16 13.02 -2.50
N GLU A 278 18.28 12.04 -2.77
N GLU A 278 18.29 12.03 -2.77
CA GLU A 278 16.93 12.35 -3.29
CA GLU A 278 16.93 12.28 -3.31
C GLU A 278 15.96 12.67 -2.17
C GLU A 278 15.95 12.63 -2.18
N CYS A 279 16.42 12.60 -0.94
CA CYS A 279 15.69 13.13 0.23
C CYS A 279 16.14 14.54 0.57
N TRP A 280 17.22 15.05 -0.03
CA TRP A 280 17.87 16.32 0.41
C TRP A 280 17.79 17.40 -0.63
N TYR A 281 16.98 17.25 -1.65
CA TYR A 281 16.79 18.36 -2.61
C TYR A 281 16.34 19.62 -1.88
N GLN A 282 16.85 20.78 -2.29
CA GLN A 282 16.35 22.07 -1.75
CA GLN A 282 16.38 22.09 -1.75
C GLN A 282 14.86 22.23 -2.02
N ASN A 283 14.42 21.87 -3.22
CA ASN A 283 13.02 21.97 -3.65
C ASN A 283 12.28 20.82 -2.95
N PRO A 284 11.41 21.12 -1.98
CA PRO A 284 10.72 20.04 -1.25
C PRO A 284 9.92 19.12 -2.17
N SER A 285 9.34 19.65 -3.26
CA SER A 285 8.48 18.82 -4.14
C SER A 285 9.33 17.86 -4.96
N ALA A 286 10.66 18.01 -5.03
CA ALA A 286 11.54 17.09 -5.77
C ALA A 286 11.90 15.84 -4.94
N ARG A 287 11.71 15.92 -3.63
CA ARG A 287 12.16 14.81 -2.76
C ARG A 287 11.24 13.58 -2.99
N LEU A 288 11.84 12.43 -2.82
CA LEU A 288 11.13 11.13 -2.88
C LEU A 288 10.05 11.11 -1.81
N THR A 289 8.99 10.39 -2.07
CA THR A 289 7.98 10.07 -1.07
C THR A 289 8.40 8.83 -0.27
N ALA A 290 7.80 8.65 0.93
CA ALA A 290 8.13 7.50 1.77
C ALA A 290 7.82 6.18 1.01
N LEU A 291 6.71 6.19 0.28
CA LEU A 291 6.36 4.95 -0.48
C LEU A 291 7.40 4.68 -1.56
N ARG A 292 7.91 5.71 -2.25
CA ARG A 292 8.96 5.47 -3.26
C ARG A 292 10.27 5.00 -2.60
N ILE A 293 10.58 5.53 -1.42
CA ILE A 293 11.80 5.08 -0.69
C ILE A 293 11.66 3.59 -0.38
N LYS A 294 10.48 3.16 0.11
CA LYS A 294 10.28 1.71 0.40
C LYS A 294 10.55 0.88 -0.85
N LYS A 295 9.96 1.28 -1.96
CA LYS A 295 10.11 0.47 -3.19
C LYS A 295 11.61 0.40 -3.54
N THR A 296 12.31 1.53 -3.50
CA THR A 296 13.75 1.52 -3.83
C THR A 296 14.50 0.59 -2.89
N LEU A 297 14.22 0.65 -1.61
CA LEU A 297 14.93 -0.21 -0.63
C LEU A 297 14.65 -1.70 -0.86
N THR A 298 13.44 -2.07 -1.27
CA THR A 298 13.13 -3.51 -1.51
C THR A 298 13.93 -4.02 -2.72
N LYS A 299 14.41 -3.16 -3.61
CA LYS A 299 15.17 -3.59 -4.83
C LYS A 299 16.68 -3.47 -4.62
N ILE A 300 17.14 -3.06 -3.44
CA ILE A 300 18.59 -3.02 -3.12
C ILE A 300 18.94 -4.38 -2.51
N ASP A 301 19.90 -5.07 -3.15
CA ASP A 301 20.47 -6.37 -2.74
C ASP A 301 19.46 -7.49 -3.02
N ALA B 7 -44.35 -3.80 -17.78
CA ALA B 7 -44.05 -5.06 -17.04
C ALA B 7 -42.71 -4.91 -16.32
N ARG B 8 -42.67 -4.04 -15.31
CA ARG B 8 -41.45 -3.67 -14.55
C ARG B 8 -41.22 -4.56 -13.34
N ASP B 9 -42.21 -5.33 -12.88
CA ASP B 9 -42.12 -6.04 -11.58
C ASP B 9 -41.09 -7.15 -11.66
N ILE B 10 -40.49 -7.47 -10.51
CA ILE B 10 -39.48 -8.57 -10.40
C ILE B 10 -39.86 -9.42 -9.21
N THR B 11 -39.71 -10.75 -9.31
CA THR B 11 -39.86 -11.67 -8.15
C THR B 11 -38.48 -12.23 -7.76
N LEU B 12 -38.05 -12.00 -6.52
CA LEU B 12 -36.78 -12.57 -6.02
C LEU B 12 -37.03 -14.03 -5.61
N LEU B 13 -36.33 -14.98 -6.22
CA LEU B 13 -36.63 -16.43 -6.08
C LEU B 13 -35.60 -17.12 -5.19
N GLU B 14 -34.29 -16.90 -5.38
CA GLU B 14 -33.29 -17.50 -4.47
C GLU B 14 -32.00 -16.69 -4.44
N CYS B 15 -31.37 -16.70 -3.29
CA CYS B 15 -30.08 -16.04 -3.07
C CYS B 15 -28.98 -16.90 -3.66
N VAL B 16 -28.20 -16.37 -4.61
CA VAL B 16 -27.09 -17.10 -5.27
C VAL B 16 -25.75 -16.53 -4.81
N GLY B 17 -25.74 -15.60 -3.85
CA GLY B 17 -24.48 -15.03 -3.33
C GLY B 17 -24.75 -14.05 -2.22
N LYS B 18 -23.96 -14.13 -1.14
CA LYS B 18 -24.08 -13.21 0.02
C LYS B 18 -22.65 -12.91 0.46
N GLY B 19 -22.33 -11.65 0.71
CA GLY B 19 -21.00 -11.26 1.19
C GLY B 19 -20.99 -9.82 1.62
N ARG B 20 -19.79 -9.29 1.79
CA ARG B 20 -19.55 -7.87 2.15
C ARG B 20 -20.19 -6.96 1.11
N TYR B 21 -20.25 -7.41 -0.16
CA TYR B 21 -20.79 -6.63 -1.32
C TYR B 21 -22.30 -6.42 -1.18
N GLY B 22 -22.98 -7.22 -0.38
CA GLY B 22 -24.45 -7.29 -0.37
C GLY B 22 -24.91 -8.67 -0.75
N GLU B 23 -25.85 -8.78 -1.66
CA GLU B 23 -26.44 -10.08 -2.00
C GLU B 23 -26.80 -10.07 -3.49
N VAL B 24 -26.73 -11.23 -4.12
CA VAL B 24 -27.23 -11.40 -5.50
C VAL B 24 -28.33 -12.47 -5.45
N TRP B 25 -29.43 -12.17 -6.09
CA TRP B 25 -30.61 -13.05 -6.21
C TRP B 25 -30.83 -13.43 -7.66
N ARG B 26 -31.23 -14.68 -7.87
CA ARG B 26 -31.95 -15.04 -9.09
C ARG B 26 -33.38 -14.56 -8.92
N GLY B 27 -33.87 -13.86 -9.91
CA GLY B 27 -35.25 -13.36 -9.92
C GLY B 27 -35.91 -13.66 -11.23
N SER B 28 -37.21 -13.42 -11.27
CA SER B 28 -37.99 -13.51 -12.52
C SER B 28 -38.50 -12.14 -12.94
N TRP B 29 -38.37 -11.79 -14.21
CA TRP B 29 -38.80 -10.50 -14.82
C TRP B 29 -39.23 -10.75 -16.27
N GLN B 30 -40.40 -10.26 -16.67
CA GLN B 30 -40.97 -10.51 -18.02
C GLN B 30 -40.79 -12.01 -18.35
N GLY B 31 -41.07 -12.90 -17.38
CA GLY B 31 -40.94 -14.38 -17.51
C GLY B 31 -39.55 -14.89 -17.91
N GLU B 32 -38.48 -14.16 -17.59
CA GLU B 32 -37.08 -14.61 -17.81
C GLU B 32 -36.33 -14.53 -16.47
N ASN B 33 -35.28 -15.33 -16.30
CA ASN B 33 -34.35 -15.17 -15.16
C ASN B 33 -33.63 -13.84 -15.33
N VAL B 34 -33.47 -13.17 -14.21
CA VAL B 34 -32.59 -11.98 -14.08
C VAL B 34 -31.77 -12.18 -12.83
N ALA B 35 -30.63 -11.47 -12.75
CA ALA B 35 -29.81 -11.36 -11.53
C ALA B 35 -30.09 -10.00 -10.89
N VAL B 36 -30.35 -10.01 -9.61
CA VAL B 36 -30.66 -8.77 -8.87
C VAL B 36 -29.62 -8.66 -7.78
N LYS B 37 -28.73 -7.67 -7.89
CA LYS B 37 -27.75 -7.36 -6.82
C LYS B 37 -28.31 -6.25 -5.95
N ILE B 38 -28.33 -6.51 -4.65
CA ILE B 38 -28.75 -5.52 -3.63
C ILE B 38 -27.49 -5.15 -2.88
N PHE B 39 -27.02 -3.92 -2.99
CA PHE B 39 -25.70 -3.52 -2.50
C PHE B 39 -25.75 -3.30 -1.01
N SER B 40 -24.65 -3.62 -0.34
CA SER B 40 -24.44 -3.21 1.07
C SER B 40 -24.33 -1.68 1.13
N SER B 41 -24.77 -1.05 2.23
CA SER B 41 -24.59 0.43 2.35
C SER B 41 -23.09 0.76 2.31
N ARG B 42 -22.24 -0.14 2.77
CA ARG B 42 -20.77 0.03 2.75
C ARG B 42 -20.28 0.28 1.32
N ASP B 43 -21.06 -0.15 0.34
N ASP B 43 -21.00 -0.26 0.32
CA ASP B 43 -20.58 -0.16 -1.05
CA ASP B 43 -20.59 -0.28 -1.11
C ASP B 43 -21.46 0.71 -1.94
C ASP B 43 -21.46 0.69 -1.94
N GLU B 44 -22.07 1.71 -1.35
CA GLU B 44 -22.97 2.61 -2.08
C GLU B 44 -22.21 3.34 -3.20
N LYS B 45 -20.93 3.63 -3.08
CA LYS B 45 -20.25 4.34 -4.15
C LYS B 45 -19.98 3.39 -5.34
N SER B 46 -19.88 2.10 -5.12
CA SER B 46 -19.76 1.16 -6.23
C SER B 46 -21.08 1.11 -7.02
N TRP B 47 -22.19 1.12 -6.33
CA TRP B 47 -23.50 1.12 -7.03
C TRP B 47 -23.57 2.33 -7.97
N PHE B 48 -23.23 3.50 -7.49
CA PHE B 48 -23.35 4.71 -8.31
C PHE B 48 -22.38 4.63 -9.49
N ARG B 49 -21.13 4.19 -9.24
CA ARG B 49 -20.14 4.12 -10.32
C ARG B 49 -20.57 3.09 -11.38
N GLU B 50 -21.12 1.96 -10.97
CA GLU B 50 -21.57 0.94 -11.94
C GLU B 50 -22.72 1.52 -12.76
N THR B 51 -23.59 2.29 -12.12
CA THR B 51 -24.71 2.97 -12.80
C THR B 51 -24.17 3.98 -13.82
N GLU B 52 -23.18 4.78 -13.48
CA GLU B 52 -22.54 5.71 -14.46
C GLU B 52 -22.02 4.90 -15.66
N LEU B 53 -21.35 3.77 -15.39
CA LEU B 53 -20.77 2.95 -16.48
C LEU B 53 -21.84 2.40 -17.39
N TYR B 54 -22.92 1.86 -16.82
CA TYR B 54 -24.00 1.26 -17.62
C TYR B 54 -24.88 2.29 -18.35
N ASN B 55 -24.72 3.57 -18.07
CA ASN B 55 -25.41 4.61 -18.87
C ASN B 55 -24.86 4.64 -20.30
N THR B 56 -23.66 4.12 -20.53
CA THR B 56 -23.06 4.11 -21.90
C THR B 56 -23.75 3.04 -22.78
N VAL B 57 -24.65 3.38 -23.71
CA VAL B 57 -25.32 2.38 -24.60
C VAL B 57 -24.26 1.54 -25.38
N MET B 58 -23.14 2.13 -25.85
CA MET B 58 -22.12 1.34 -26.63
C MET B 58 -21.20 0.50 -25.75
N LEU B 59 -21.45 0.46 -24.44
CA LEU B 59 -20.80 -0.55 -23.59
C LEU B 59 -21.24 -1.96 -23.95
N ARG B 60 -22.48 -2.15 -24.41
CA ARG B 60 -23.10 -3.46 -24.62
C ARG B 60 -22.18 -4.30 -25.52
N HIS B 61 -21.94 -5.54 -25.10
CA HIS B 61 -21.00 -6.47 -25.77
C HIS B 61 -21.31 -7.88 -25.27
N GLU B 62 -21.10 -8.86 -26.15
CA GLU B 62 -21.30 -10.27 -25.79
C GLU B 62 -20.48 -10.68 -24.58
N ASN B 63 -19.32 -10.03 -24.37
CA ASN B 63 -18.40 -10.44 -23.28
C ASN B 63 -18.42 -9.44 -22.11
N ILE B 64 -19.44 -8.63 -21.98
CA ILE B 64 -19.69 -7.75 -20.80
C ILE B 64 -21.07 -8.08 -20.27
N LEU B 65 -21.21 -8.31 -18.97
CA LEU B 65 -22.52 -8.58 -18.34
C LEU B 65 -23.53 -7.49 -18.74
N GLY B 66 -24.66 -7.95 -19.26
CA GLY B 66 -25.68 -7.04 -19.82
C GLY B 66 -26.60 -6.51 -18.75
N PHE B 67 -26.70 -5.23 -18.76
CA PHE B 67 -27.51 -4.40 -17.88
C PHE B 67 -29.01 -4.39 -18.25
N ILE B 68 -29.92 -4.47 -17.29
CA ILE B 68 -31.37 -4.27 -17.49
C ILE B 68 -31.80 -2.97 -16.78
N ALA B 69 -31.48 -2.78 -15.51
CA ALA B 69 -31.92 -1.57 -14.78
C ALA B 69 -31.03 -1.34 -13.57
N SER B 70 -31.06 -0.12 -13.06
CA SER B 70 -30.41 0.29 -11.80
C SER B 70 -31.41 1.16 -11.04
N ASP B 71 -31.53 0.92 -9.76
CA ASP B 71 -32.48 1.70 -8.93
C ASP B 71 -31.85 2.03 -7.61
N MET B 72 -32.13 3.25 -7.16
CA MET B 72 -31.96 3.63 -5.75
C MET B 72 -33.34 3.97 -5.20
N THR B 73 -33.74 3.32 -4.12
CA THR B 73 -35.09 3.49 -3.57
C THR B 73 -34.97 3.88 -2.13
N SER B 74 -35.90 4.70 -1.63
CA SER B 74 -35.86 5.06 -0.20
C SER B 74 -37.23 5.47 0.30
N ARG B 75 -37.50 5.08 1.50
CA ARG B 75 -38.56 5.68 2.34
C ARG B 75 -37.96 5.92 3.71
N HIS B 76 -38.27 7.06 4.30
CA HIS B 76 -37.72 7.43 5.61
C HIS B 76 -36.19 7.38 5.57
N SER B 77 -35.52 6.68 6.45
CA SER B 77 -34.06 6.86 6.59
C SER B 77 -33.29 5.76 5.89
N SER B 78 -33.94 4.80 5.30
CA SER B 78 -33.16 3.70 4.72
C SER B 78 -33.23 3.77 3.20
N THR B 79 -32.20 3.27 2.55
CA THR B 79 -32.04 3.29 1.10
C THR B 79 -31.68 1.88 0.64
N GLN B 80 -32.27 1.50 -0.45
CA GLN B 80 -31.87 0.26 -1.13
C GLN B 80 -31.26 0.62 -2.48
N LEU B 81 -30.28 -0.17 -2.86
CA LEU B 81 -29.49 0.02 -4.11
C LEU B 81 -29.52 -1.28 -4.89
N TRP B 82 -30.05 -1.23 -6.09
CA TRP B 82 -30.38 -2.40 -6.90
C TRP B 82 -29.67 -2.29 -8.25
N LEU B 83 -29.10 -3.40 -8.70
CA LEU B 83 -28.60 -3.53 -10.07
C LEU B 83 -29.24 -4.79 -10.64
N ILE B 84 -29.91 -4.69 -11.78
CA ILE B 84 -30.58 -5.85 -12.41
C ILE B 84 -29.87 -6.12 -13.73
N THR B 85 -29.42 -7.37 -13.93
CA THR B 85 -28.68 -7.78 -15.13
C THR B 85 -29.26 -9.06 -15.68
N HIS B 86 -28.74 -9.49 -16.82
CA HIS B 86 -28.96 -10.86 -17.28
C HIS B 86 -28.35 -11.85 -16.27
N TYR B 87 -28.94 -13.06 -16.26
CA TYR B 87 -28.59 -14.13 -15.31
C TYR B 87 -27.79 -15.19 -16.05
N HIS B 88 -26.73 -15.71 -15.45
CA HIS B 88 -25.91 -16.81 -16.03
C HIS B 88 -25.91 -17.94 -15.03
N GLU B 89 -26.75 -18.97 -15.29
CA GLU B 89 -26.98 -20.03 -14.29
C GLU B 89 -25.73 -20.90 -14.08
N MET B 90 -24.74 -20.87 -14.99
CA MET B 90 -23.49 -21.63 -14.81
C MET B 90 -22.61 -20.93 -13.78
N GLY B 91 -22.94 -19.70 -13.36
CA GLY B 91 -22.18 -19.03 -12.31
C GLY B 91 -20.88 -18.42 -12.81
N SER B 92 -19.98 -18.14 -11.88
CA SER B 92 -18.72 -17.47 -12.23
C SER B 92 -17.72 -18.47 -12.77
N LEU B 93 -16.70 -17.95 -13.41
CA LEU B 93 -15.56 -18.78 -13.88
C LEU B 93 -14.88 -19.43 -12.67
N TYR B 94 -14.74 -18.72 -11.55
CA TYR B 94 -14.23 -19.30 -10.30
C TYR B 94 -15.03 -20.55 -9.92
N ASP B 95 -16.36 -20.46 -9.95
CA ASP B 95 -17.22 -21.62 -9.58
C ASP B 95 -16.96 -22.75 -10.58
N TYR B 96 -16.98 -22.40 -11.86
CA TYR B 96 -16.95 -23.37 -12.97
C TYR B 96 -15.67 -24.20 -12.96
N LEU B 97 -14.55 -23.53 -12.71
CA LEU B 97 -13.21 -24.18 -12.71
C LEU B 97 -13.04 -25.13 -11.53
N GLN B 98 -13.87 -25.06 -10.51
N GLN B 98 -13.84 -24.99 -10.48
CA GLN B 98 -13.60 -25.82 -9.25
CA GLN B 98 -13.72 -25.75 -9.20
C GLN B 98 -13.69 -27.29 -9.56
C GLN B 98 -13.71 -27.23 -9.54
N LEU B 99 -14.66 -27.69 -10.36
CA LEU B 99 -14.87 -29.16 -10.61
C LEU B 99 -14.88 -29.55 -12.10
N THR B 100 -14.80 -28.63 -13.06
CA THR B 100 -14.70 -28.94 -14.49
C THR B 100 -13.25 -28.88 -14.92
N THR B 101 -12.82 -29.80 -15.76
CA THR B 101 -11.56 -29.66 -16.54
C THR B 101 -11.89 -29.26 -17.96
N LEU B 102 -10.93 -28.75 -18.68
CA LEU B 102 -11.12 -28.15 -20.02
C LEU B 102 -10.31 -28.90 -21.06
N ASP B 103 -10.82 -28.99 -22.28
CA ASP B 103 -9.96 -29.34 -23.42
C ASP B 103 -9.39 -28.08 -24.06
N THR B 104 -8.56 -28.22 -25.08
CA THR B 104 -7.86 -27.09 -25.74
C THR B 104 -8.89 -26.10 -26.25
N VAL B 105 -9.89 -26.55 -27.01
CA VAL B 105 -10.91 -25.69 -27.62
C VAL B 105 -11.63 -24.88 -26.54
N SER B 106 -12.03 -25.52 -25.46
N SER B 106 -12.04 -25.52 -25.43
CA SER B 106 -12.81 -24.85 -24.40
CA SER B 106 -12.86 -24.89 -24.37
C SER B 106 -11.92 -23.87 -23.66
C SER B 106 -12.01 -23.99 -23.47
N CYS B 107 -10.71 -24.27 -23.34
CA CYS B 107 -9.77 -23.33 -22.67
C CYS B 107 -9.58 -22.07 -23.52
N LEU B 108 -9.28 -22.22 -24.79
CA LEU B 108 -9.01 -21.04 -25.66
C LEU B 108 -10.31 -20.22 -25.83
N ARG B 109 -11.45 -20.86 -25.96
CA ARG B 109 -12.73 -20.11 -26.08
C ARG B 109 -12.91 -19.23 -24.84
N ILE B 110 -12.69 -19.77 -23.66
CA ILE B 110 -12.87 -18.99 -22.41
C ILE B 110 -11.90 -17.82 -22.46
N VAL B 111 -10.63 -18.07 -22.62
CA VAL B 111 -9.65 -16.96 -22.42
C VAL B 111 -9.75 -15.95 -23.54
N LEU B 112 -10.04 -16.35 -24.78
CA LEU B 112 -10.24 -15.39 -25.87
C LEU B 112 -11.47 -14.53 -25.56
N SER B 113 -12.54 -15.13 -25.06
CA SER B 113 -13.77 -14.35 -24.75
C SER B 113 -13.45 -13.27 -23.71
N ILE B 114 -12.66 -13.63 -22.69
CA ILE B 114 -12.32 -12.61 -21.65
C ILE B 114 -11.46 -11.54 -22.29
N ALA B 115 -10.50 -11.91 -23.11
CA ALA B 115 -9.65 -10.92 -23.78
C ALA B 115 -10.49 -10.01 -24.66
N SER B 116 -11.49 -10.56 -25.32
N SER B 116 -11.50 -10.56 -25.31
CA SER B 116 -12.34 -9.75 -26.24
CA SER B 116 -12.36 -9.79 -26.22
C SER B 116 -13.14 -8.75 -25.38
C SER B 116 -13.16 -8.77 -25.40
N GLY B 117 -13.71 -9.19 -24.25
CA GLY B 117 -14.42 -8.27 -23.34
C GLY B 117 -13.46 -7.20 -22.83
N LEU B 118 -12.26 -7.59 -22.47
CA LEU B 118 -11.33 -6.61 -21.85
C LEU B 118 -10.86 -5.59 -22.90
N ALA B 119 -10.55 -6.03 -24.11
CA ALA B 119 -10.17 -5.12 -25.22
C ALA B 119 -11.33 -4.19 -25.57
N HIS B 120 -12.55 -4.69 -25.53
CA HIS B 120 -13.73 -3.84 -25.75
C HIS B 120 -13.81 -2.76 -24.68
N LEU B 121 -13.57 -3.12 -23.43
CA LEU B 121 -13.55 -2.08 -22.36
C LEU B 121 -12.42 -1.10 -22.64
N HIS B 122 -11.21 -1.59 -22.84
CA HIS B 122 -10.01 -0.70 -22.88
C HIS B 122 -10.04 0.26 -24.07
N ILE B 123 -10.62 -0.13 -25.20
CA ILE B 123 -10.51 0.67 -26.47
C ILE B 123 -11.68 1.64 -26.56
N GLU B 124 -11.37 2.91 -26.76
CA GLU B 124 -12.38 3.96 -26.94
C GLU B 124 -13.06 3.79 -28.32
N ILE B 125 -14.38 3.95 -28.33
CA ILE B 125 -15.27 4.04 -29.52
C ILE B 125 -15.72 5.51 -29.64
N PHE B 126 -15.51 6.09 -30.82
CA PHE B 126 -15.79 7.52 -31.14
C PHE B 126 -17.13 7.64 -31.88
N GLY B 130 -21.17 6.53 -28.63
CA GLY B 130 -19.73 6.30 -28.32
C GLY B 130 -19.50 5.60 -26.99
N LYS B 131 -18.24 5.19 -26.73
CA LYS B 131 -17.86 4.61 -25.43
C LYS B 131 -16.45 5.10 -25.12
N PRO B 132 -16.27 5.65 -23.91
CA PRO B 132 -14.94 6.02 -23.47
C PRO B 132 -14.09 4.75 -23.36
N ALA B 133 -12.78 4.92 -23.28
CA ALA B 133 -11.90 3.85 -22.82
C ALA B 133 -12.25 3.60 -21.35
N ILE B 134 -12.22 2.33 -20.94
CA ILE B 134 -12.62 1.90 -19.57
C ILE B 134 -11.59 0.92 -19.04
N ALA B 135 -11.10 1.17 -17.83
CA ALA B 135 -10.30 0.17 -17.09
C ALA B 135 -11.16 -0.34 -15.94
N HIS B 136 -11.12 -1.64 -15.71
CA HIS B 136 -12.05 -2.34 -14.81
C HIS B 136 -11.62 -2.20 -13.34
N ARG B 137 -10.37 -2.53 -13.04
CA ARG B 137 -9.70 -2.38 -11.71
C ARG B 137 -10.07 -3.48 -10.71
N ASP B 138 -10.93 -4.44 -11.04
CA ASP B 138 -11.16 -5.59 -10.13
C ASP B 138 -11.38 -6.85 -10.95
N LEU B 139 -10.55 -7.10 -11.94
CA LEU B 139 -10.74 -8.29 -12.78
C LEU B 139 -10.30 -9.49 -11.95
N LYS B 140 -11.07 -10.55 -11.97
CA LYS B 140 -10.74 -11.80 -11.26
C LYS B 140 -11.76 -12.86 -11.67
N SER B 141 -11.51 -14.11 -11.35
CA SER B 141 -12.40 -15.19 -11.86
C SER B 141 -13.78 -15.14 -11.22
N LYS B 142 -13.98 -14.55 -10.03
CA LYS B 142 -15.34 -14.39 -9.48
C LYS B 142 -16.11 -13.30 -10.21
N ASN B 143 -15.44 -12.38 -10.91
CA ASN B 143 -16.08 -11.28 -11.65
C ASN B 143 -16.21 -11.58 -13.14
N ILE B 144 -16.12 -12.85 -13.49
CA ILE B 144 -16.33 -13.35 -14.86
C ILE B 144 -17.41 -14.43 -14.78
N LEU B 145 -18.42 -14.31 -15.62
CA LEU B 145 -19.50 -15.31 -15.64
C LEU B 145 -19.38 -16.17 -16.88
N VAL B 146 -19.77 -17.44 -16.72
CA VAL B 146 -19.73 -18.45 -17.82
C VAL B 146 -21.11 -18.52 -18.46
N LYS B 147 -21.12 -18.46 -19.78
CA LYS B 147 -22.35 -18.53 -20.59
C LYS B 147 -22.45 -19.91 -21.26
N LYS B 148 -23.69 -20.25 -21.56
CA LYS B 148 -23.95 -21.62 -22.10
C LYS B 148 -23.24 -21.85 -23.43
N ASN B 149 -22.88 -20.80 -24.16
CA ASN B 149 -22.09 -20.94 -25.43
C ASN B 149 -20.58 -21.15 -25.23
N GLY B 150 -20.10 -21.21 -23.99
CA GLY B 150 -18.69 -21.50 -23.65
C GLY B 150 -17.80 -20.29 -23.65
N GLN B 151 -18.40 -19.18 -23.94
CA GLN B 151 -17.75 -17.87 -23.70
C GLN B 151 -18.17 -17.30 -22.34
N CYS B 152 -17.42 -16.31 -21.95
CA CYS B 152 -17.61 -15.66 -20.65
C CYS B 152 -18.01 -14.20 -20.87
N CYS B 153 -18.46 -13.58 -19.78
CA CYS B 153 -18.65 -12.13 -19.74
C CYS B 153 -18.10 -11.55 -18.46
N ILE B 154 -17.54 -10.38 -18.61
CA ILE B 154 -16.96 -9.64 -17.45
C ILE B 154 -18.03 -8.84 -16.72
N ALA B 155 -17.97 -8.91 -15.41
CA ALA B 155 -18.97 -8.27 -14.50
C ALA B 155 -18.26 -7.35 -13.52
N ASP B 156 -19.04 -6.48 -12.89
CA ASP B 156 -18.69 -5.61 -11.74
C ASP B 156 -17.85 -4.45 -12.22
N LEU B 157 -18.54 -3.36 -12.61
CA LEU B 157 -17.91 -2.13 -13.06
C LEU B 157 -17.93 -1.07 -11.96
N GLY B 158 -18.06 -1.48 -10.71
CA GLY B 158 -18.10 -0.49 -9.60
C GLY B 158 -16.82 0.26 -9.34
N LEU B 159 -15.67 -0.22 -9.79
CA LEU B 159 -14.37 0.42 -9.56
C LEU B 159 -13.84 0.99 -10.85
N ALA B 160 -14.62 0.97 -11.95
CA ALA B 160 -14.03 1.31 -13.26
C ALA B 160 -13.62 2.78 -13.38
N VAL B 161 -12.68 3.04 -14.24
CA VAL B 161 -12.12 4.37 -14.59
C VAL B 161 -12.40 4.58 -16.07
N MET B 162 -12.81 5.80 -16.43
CA MET B 162 -13.12 6.11 -17.86
C MET B 162 -12.18 7.19 -18.36
N HIS B 163 -11.86 7.12 -19.64
CA HIS B 163 -10.95 8.12 -20.25
C HIS B 163 -11.41 8.40 -21.68
N SER B 164 -11.35 9.67 -22.07
CA SER B 164 -11.61 10.06 -23.49
C SER B 164 -10.40 10.81 -24.04
N GLN B 165 -9.74 10.26 -25.07
CA GLN B 165 -8.51 10.87 -25.61
C GLN B 165 -8.97 12.06 -26.45
N SER B 166 -10.18 12.01 -26.99
CA SER B 166 -10.72 13.06 -27.87
C SER B 166 -10.82 14.35 -27.06
N THR B 167 -11.20 14.27 -25.79
CA THR B 167 -11.44 15.47 -24.94
C THR B 167 -10.41 15.57 -23.81
N ASN B 168 -9.46 14.63 -23.73
CA ASN B 168 -8.41 14.61 -22.69
C ASN B 168 -9.08 14.63 -21.31
N GLN B 169 -10.05 13.75 -21.09
CA GLN B 169 -10.84 13.70 -19.82
C GLN B 169 -10.52 12.36 -19.15
N LEU B 170 -10.14 12.37 -17.89
CA LEU B 170 -9.90 11.14 -17.08
C LEU B 170 -10.87 11.19 -15.90
N ASP B 171 -11.72 10.18 -15.77
CA ASP B 171 -12.78 10.13 -14.74
C ASP B 171 -12.48 8.93 -13.84
N VAL B 172 -11.89 9.19 -12.70
CA VAL B 172 -11.44 8.12 -11.76
C VAL B 172 -12.58 7.85 -10.77
N GLY B 173 -13.65 8.63 -10.84
CA GLY B 173 -14.81 8.45 -9.96
C GLY B 173 -14.44 8.79 -8.52
N ASN B 174 -15.40 8.58 -7.62
CA ASN B 174 -15.24 8.74 -6.16
C ASN B 174 -15.63 7.40 -5.54
N ASN B 175 -14.64 6.55 -5.31
CA ASN B 175 -14.89 5.25 -4.66
C ASN B 175 -13.60 4.84 -3.98
N PRO B 176 -13.59 4.79 -2.63
CA PRO B 176 -12.39 4.43 -1.91
C PRO B 176 -12.18 2.91 -1.81
N ARG B 177 -13.14 2.13 -2.35
CA ARG B 177 -12.93 0.68 -2.57
C ARG B 177 -11.62 0.50 -3.30
N VAL B 178 -10.88 -0.57 -2.99
CA VAL B 178 -9.70 -0.99 -3.80
C VAL B 178 -9.99 -2.39 -4.36
N GLY B 179 -9.18 -2.75 -5.30
CA GLY B 179 -9.29 -4.07 -5.95
C GLY B 179 -9.12 -5.22 -4.96
N THR B 180 -9.45 -6.41 -5.42
CA THR B 180 -9.28 -7.64 -4.62
C THR B 180 -7.80 -7.86 -4.37
N LYS B 181 -7.41 -8.07 -3.11
CA LYS B 181 -5.98 -7.99 -2.74
C LYS B 181 -5.18 -9.03 -3.50
N ARG B 182 -5.70 -10.24 -3.62
CA ARG B 182 -4.96 -11.35 -4.26
C ARG B 182 -4.54 -11.02 -5.69
N TYR B 183 -5.35 -10.19 -6.37
CA TYR B 183 -5.14 -9.89 -7.81
C TYR B 183 -4.47 -8.53 -8.05
N MET B 184 -4.08 -7.82 -6.99
CA MET B 184 -3.49 -6.46 -7.13
C MET B 184 -2.10 -6.51 -7.73
N ALA B 185 -1.85 -5.65 -8.75
CA ALA B 185 -0.57 -5.54 -9.39
C ALA B 185 0.49 -5.00 -8.41
N PRO B 186 1.76 -5.20 -8.70
CA PRO B 186 2.83 -4.71 -7.83
C PRO B 186 2.69 -3.21 -7.49
N GLU B 187 2.37 -2.39 -8.50
CA GLU B 187 2.31 -0.91 -8.31
C GLU B 187 1.09 -0.55 -7.48
N VAL B 188 0.07 -1.39 -7.39
CA VAL B 188 -1.07 -1.17 -6.49
C VAL B 188 -0.69 -1.57 -5.06
N LEU B 189 0.02 -2.69 -4.93
CA LEU B 189 0.44 -3.17 -3.60
C LEU B 189 1.53 -2.27 -2.99
N ASP B 190 2.36 -1.69 -3.78
CA ASP B 190 3.40 -0.81 -3.20
C ASP B 190 2.96 0.64 -3.31
N GLU B 191 1.77 0.90 -3.85
CA GLU B 191 1.12 2.24 -3.86
C GLU B 191 1.97 3.24 -4.64
N THR B 192 2.76 2.81 -5.58
CA THR B 192 3.47 3.75 -6.48
C THR B 192 2.73 4.01 -7.79
N ILE B 193 1.64 3.30 -8.07
CA ILE B 193 0.84 3.53 -9.29
C ILE B 193 0.62 5.03 -9.51
N GLN B 194 0.73 5.41 -10.79
CA GLN B 194 0.58 6.80 -11.31
C GLN B 194 -0.93 7.06 -11.44
N VAL B 195 -1.57 7.64 -10.42
CA VAL B 195 -3.06 7.70 -10.31
C VAL B 195 -3.71 8.63 -11.35
N ASP B 196 -2.95 9.52 -11.99
CA ASP B 196 -3.54 10.51 -12.94
C ASP B 196 -3.23 10.07 -14.37
N CYS B 197 -2.82 8.81 -14.57
CA CYS B 197 -2.44 8.22 -15.87
CA CYS B 197 -2.51 8.26 -15.93
C CYS B 197 -3.42 7.09 -16.23
N PHE B 198 -4.28 7.27 -17.22
CA PHE B 198 -5.24 6.21 -17.59
C PHE B 198 -4.51 4.92 -17.89
N ASP B 199 -3.42 4.94 -18.61
CA ASP B 199 -2.72 3.70 -19.01
C ASP B 199 -2.35 2.89 -17.77
N SER B 200 -2.05 3.54 -16.65
CA SER B 200 -1.74 2.81 -15.40
C SER B 200 -2.86 1.85 -15.08
N TYR B 201 -4.10 2.23 -15.20
CA TYR B 201 -5.23 1.36 -14.80
C TYR B 201 -5.40 0.23 -15.81
N LYS B 202 -5.19 0.49 -17.12
CA LYS B 202 -5.26 -0.62 -18.09
C LYS B 202 -4.22 -1.66 -17.70
N ARG B 203 -3.01 -1.22 -17.30
CA ARG B 203 -1.90 -2.14 -17.01
C ARG B 203 -2.20 -2.98 -15.75
N VAL B 204 -2.96 -2.44 -14.83
CA VAL B 204 -3.42 -3.19 -13.65
C VAL B 204 -4.34 -4.31 -14.13
N ASP B 205 -5.24 -4.02 -15.05
CA ASP B 205 -6.15 -5.04 -15.60
C ASP B 205 -5.34 -6.15 -16.27
N ILE B 206 -4.27 -5.80 -16.97
CA ILE B 206 -3.48 -6.81 -17.71
C ILE B 206 -2.84 -7.77 -16.71
N TRP B 207 -2.27 -7.24 -15.62
CA TRP B 207 -1.71 -8.07 -14.54
C TRP B 207 -2.77 -9.09 -14.11
N ALA B 208 -3.95 -8.60 -13.75
CA ALA B 208 -5.01 -9.47 -13.24
C ALA B 208 -5.42 -10.48 -14.30
N PHE B 209 -5.52 -10.05 -15.54
CA PHE B 209 -5.88 -11.01 -16.59
CA PHE B 209 -5.85 -10.98 -16.64
C PHE B 209 -4.83 -12.12 -16.66
N GLY B 210 -3.54 -11.81 -16.53
CA GLY B 210 -2.53 -12.87 -16.50
C GLY B 210 -2.83 -13.89 -15.43
N LEU B 211 -3.19 -13.42 -14.25
CA LEU B 211 -3.52 -14.33 -13.15
C LEU B 211 -4.72 -15.22 -13.54
N VAL B 212 -5.75 -14.65 -14.17
CA VAL B 212 -6.96 -15.42 -14.56
C VAL B 212 -6.55 -16.43 -15.64
N LEU B 213 -5.68 -16.04 -16.58
N LEU B 213 -5.69 -16.04 -16.55
CA LEU B 213 -5.17 -16.99 -17.61
CA LEU B 213 -5.21 -16.97 -17.61
C LEU B 213 -4.55 -18.19 -16.90
C LEU B 213 -4.47 -18.15 -16.98
N TRP B 214 -3.69 -17.93 -15.91
CA TRP B 214 -3.04 -19.02 -15.14
C TRP B 214 -4.12 -19.90 -14.51
N GLU B 215 -5.12 -19.32 -13.86
CA GLU B 215 -6.17 -20.11 -13.17
C GLU B 215 -6.86 -21.05 -14.16
N VAL B 216 -7.15 -20.57 -15.35
CA VAL B 216 -7.85 -21.35 -16.40
C VAL B 216 -6.91 -22.42 -16.94
N ALA B 217 -5.70 -22.05 -17.33
CA ALA B 217 -4.79 -23.01 -18.01
C ALA B 217 -4.48 -24.19 -17.11
N ARG B 218 -4.44 -24.04 -15.81
CA ARG B 218 -4.21 -25.14 -14.86
C ARG B 218 -5.25 -26.22 -15.07
N ARG B 219 -6.46 -25.85 -15.47
CA ARG B 219 -7.60 -26.78 -15.59
C ARG B 219 -7.68 -27.37 -16.98
N MET B 220 -6.81 -27.02 -17.89
CA MET B 220 -6.78 -27.60 -19.26
C MET B 220 -5.97 -28.90 -19.21
N VAL B 221 -6.56 -30.01 -19.64
CA VAL B 221 -5.84 -31.31 -19.66
C VAL B 221 -4.82 -31.35 -20.81
N SER B 222 -3.67 -31.90 -20.51
CA SER B 222 -2.70 -32.25 -21.58
C SER B 222 -2.00 -33.55 -21.16
N ASN B 223 -1.88 -34.49 -22.11
CA ASN B 223 -1.12 -35.74 -21.84
C ASN B 223 -1.66 -36.44 -20.58
N GLY B 224 -2.98 -36.36 -20.34
CA GLY B 224 -3.57 -37.07 -19.20
C GLY B 224 -3.33 -36.39 -17.87
N ILE B 225 -2.83 -35.15 -17.88
CA ILE B 225 -2.44 -34.44 -16.61
C ILE B 225 -3.25 -33.14 -16.55
N VAL B 226 -3.68 -32.81 -15.35
CA VAL B 226 -4.32 -31.49 -15.10
C VAL B 226 -3.96 -31.10 -13.67
N GLU B 227 -3.90 -29.79 -13.39
CA GLU B 227 -3.77 -29.35 -11.99
C GLU B 227 -5.12 -29.13 -11.33
N ASP B 228 -5.15 -29.27 -9.99
CA ASP B 228 -6.35 -28.92 -9.22
C ASP B 228 -6.56 -27.41 -9.32
N TYR B 229 -7.77 -26.94 -9.18
CA TYR B 229 -8.03 -25.49 -9.08
C TYR B 229 -7.32 -24.99 -7.82
N LYS B 230 -6.57 -23.90 -8.01
CA LYS B 230 -6.04 -23.08 -6.90
C LYS B 230 -6.14 -21.62 -7.32
N PRO B 231 -6.35 -20.73 -6.32
CA PRO B 231 -6.30 -19.31 -6.58
C PRO B 231 -4.86 -18.86 -6.71
N PRO B 232 -4.63 -17.73 -7.38
CA PRO B 232 -3.29 -17.19 -7.50
C PRO B 232 -2.62 -16.99 -6.12
N PHE B 233 -1.38 -17.40 -6.02
CA PHE B 233 -0.50 -17.23 -4.83
C PHE B 233 -0.93 -18.13 -3.67
N TYR B 234 -1.75 -19.14 -3.89
CA TYR B 234 -2.23 -20.08 -2.85
C TYR B 234 -1.03 -20.64 -2.07
N ASP B 235 0.10 -20.85 -2.70
CA ASP B 235 1.27 -21.55 -2.11
C ASP B 235 2.15 -20.64 -1.26
N VAL B 236 1.98 -19.32 -1.32
CA VAL B 236 2.97 -18.36 -0.75
C VAL B 236 2.31 -17.40 0.24
N VAL B 237 0.99 -17.35 0.31
CA VAL B 237 0.29 -16.41 1.25
C VAL B 237 -0.68 -17.18 2.11
N PRO B 238 -1.09 -16.63 3.26
CA PRO B 238 -2.12 -17.21 4.08
C PRO B 238 -3.44 -17.37 3.31
N ASN B 239 -4.28 -18.25 3.83
CA ASN B 239 -5.55 -18.58 3.18
C ASN B 239 -6.30 -17.30 2.77
N ASP B 240 -6.44 -16.35 3.68
CA ASP B 240 -7.26 -15.12 3.49
C ASP B 240 -6.30 -13.94 3.53
N PRO B 241 -5.51 -13.71 2.45
CA PRO B 241 -4.36 -12.83 2.52
C PRO B 241 -4.68 -11.35 2.74
N SER B 242 -3.90 -10.72 3.57
CA SER B 242 -4.00 -9.26 3.80
C SER B 242 -3.29 -8.55 2.64
N PHE B 243 -3.52 -7.26 2.54
CA PHE B 243 -2.78 -6.36 1.64
C PHE B 243 -1.28 -6.55 1.84
N GLU B 244 -0.79 -6.51 3.11
CA GLU B 244 0.64 -6.64 3.33
C GLU B 244 1.16 -8.06 2.98
N ASP B 245 0.35 -9.10 3.16
CA ASP B 245 0.74 -10.47 2.74
C ASP B 245 1.03 -10.48 1.25
N MET B 246 0.11 -9.85 0.50
CA MET B 246 0.29 -9.80 -0.96
C MET B 246 1.46 -8.93 -1.36
N ARG B 247 1.60 -7.76 -0.72
CA ARG B 247 2.79 -6.94 -1.01
C ARG B 247 4.11 -7.68 -0.76
N LYS B 248 4.18 -8.44 0.34
CA LYS B 248 5.36 -9.26 0.67
C LYS B 248 5.70 -10.14 -0.55
N VAL B 249 4.74 -10.94 -1.01
CA VAL B 249 5.11 -11.99 -2.00
C VAL B 249 5.36 -11.35 -3.38
N VAL B 250 4.52 -10.39 -3.77
CA VAL B 250 4.59 -9.80 -5.13
C VAL B 250 5.70 -8.77 -5.28
N CYS B 251 5.82 -7.88 -4.29
CA CYS B 251 6.77 -6.76 -4.34
C CYS B 251 8.12 -7.11 -3.67
N VAL B 252 8.10 -7.70 -2.48
CA VAL B 252 9.36 -7.97 -1.71
C VAL B 252 10.00 -9.20 -2.36
N ASP B 253 9.26 -10.31 -2.44
CA ASP B 253 9.76 -11.67 -2.81
C ASP B 253 9.77 -11.82 -4.33
N GLN B 254 9.17 -10.90 -5.09
CA GLN B 254 9.09 -10.88 -6.58
C GLN B 254 8.50 -12.20 -7.07
N GLN B 255 7.51 -12.73 -6.39
CA GLN B 255 6.92 -14.05 -6.76
C GLN B 255 5.94 -13.82 -7.92
N ARG B 256 5.90 -14.82 -8.78
CA ARG B 256 4.84 -14.94 -9.80
C ARG B 256 4.32 -16.35 -9.76
N PRO B 257 3.10 -16.61 -10.22
CA PRO B 257 2.62 -17.99 -10.22
C PRO B 257 3.53 -18.93 -11.03
N ASN B 258 3.75 -20.09 -10.46
CA ASN B 258 4.65 -21.07 -11.10
C ASN B 258 3.95 -21.72 -12.31
N ILE B 259 4.73 -21.95 -13.31
CA ILE B 259 4.27 -22.68 -14.51
C ILE B 259 4.55 -24.16 -14.30
N PRO B 260 3.51 -25.03 -14.23
CA PRO B 260 3.76 -26.46 -14.14
C PRO B 260 4.59 -26.92 -15.35
N ASN B 261 5.62 -27.76 -15.10
CA ASN B 261 6.47 -28.19 -16.20
C ASN B 261 5.71 -29.02 -17.22
N ARG B 262 4.62 -29.67 -16.86
CA ARG B 262 3.87 -30.44 -17.90
C ARG B 262 3.36 -29.53 -19.01
N TRP B 263 3.17 -28.23 -18.73
CA TRP B 263 2.69 -27.31 -19.76
C TRP B 263 3.63 -27.28 -20.96
N PHE B 264 4.91 -27.45 -20.74
CA PHE B 264 5.92 -27.27 -21.82
C PHE B 264 5.89 -28.45 -22.80
N SER B 265 5.16 -29.54 -22.50
CA SER B 265 4.94 -30.63 -23.48
C SER B 265 3.77 -30.28 -24.42
N ASP B 266 2.95 -29.29 -24.14
CA ASP B 266 1.72 -28.98 -24.92
C ASP B 266 1.89 -27.65 -25.62
N PRO B 267 1.70 -27.50 -26.94
CA PRO B 267 1.97 -26.23 -27.61
C PRO B 267 1.06 -25.11 -27.12
N THR B 268 -0.18 -25.42 -26.85
CA THR B 268 -1.17 -24.43 -26.41
C THR B 268 -0.76 -23.87 -25.04
N LEU B 269 -0.48 -24.74 -24.09
CA LEU B 269 -0.11 -24.30 -22.74
C LEU B 269 1.26 -23.61 -22.77
N THR B 270 2.16 -24.02 -23.65
CA THR B 270 3.46 -23.30 -23.81
C THR B 270 3.16 -21.89 -24.28
N SER B 271 2.29 -21.69 -25.27
CA SER B 271 1.92 -20.34 -25.74
C SER B 271 1.27 -19.55 -24.59
N LEU B 272 0.36 -20.16 -23.84
CA LEU B 272 -0.33 -19.44 -22.76
C LEU B 272 0.67 -19.04 -21.68
N ALA B 273 1.62 -19.91 -21.31
CA ALA B 273 2.64 -19.54 -20.30
C ALA B 273 3.39 -18.31 -20.77
N LYS B 274 3.75 -18.24 -22.05
CA LYS B 274 4.50 -17.08 -22.59
C LYS B 274 3.63 -15.84 -22.43
N LEU B 275 2.35 -15.96 -22.74
N LEU B 275 2.34 -15.90 -22.78
CA LEU B 275 1.42 -14.82 -22.73
CA LEU B 275 1.39 -14.76 -22.66
C LEU B 275 1.21 -14.34 -21.29
C LEU B 275 1.31 -14.31 -21.22
N MET B 276 1.05 -15.25 -20.32
CA MET B 276 0.80 -14.78 -18.95
C MET B 276 2.11 -14.17 -18.39
N LYS B 277 3.30 -14.64 -18.77
CA LYS B 277 4.53 -13.97 -18.29
C LYS B 277 4.62 -12.56 -18.84
N GLU B 278 4.09 -12.28 -20.01
CA GLU B 278 4.12 -10.93 -20.59
C GLU B 278 3.06 -10.01 -19.98
N CYS B 279 2.20 -10.54 -19.10
CA CYS B 279 1.25 -9.75 -18.28
C CYS B 279 1.86 -9.40 -16.92
N TRP B 280 2.95 -10.02 -16.52
CA TRP B 280 3.47 -10.02 -15.12
C TRP B 280 4.77 -9.26 -14.93
N TYR B 281 5.24 -8.54 -15.94
CA TYR B 281 6.42 -7.66 -15.72
C TYR B 281 6.17 -6.73 -14.56
N GLN B 282 7.16 -6.47 -13.66
CA GLN B 282 6.98 -5.45 -12.59
C GLN B 282 6.85 -4.09 -13.30
N ASN B 283 7.56 -3.90 -14.41
CA ASN B 283 7.47 -2.64 -15.20
C ASN B 283 6.13 -2.62 -15.95
N PRO B 284 5.17 -1.80 -15.51
CA PRO B 284 3.83 -1.87 -16.13
C PRO B 284 3.86 -1.59 -17.63
N SER B 285 4.74 -0.69 -18.11
CA SER B 285 4.76 -0.35 -19.55
C SER B 285 5.25 -1.52 -20.41
N ALA B 286 5.92 -2.52 -19.83
CA ALA B 286 6.42 -3.69 -20.56
C ALA B 286 5.28 -4.67 -20.83
N ARG B 287 4.18 -4.58 -20.08
CA ARG B 287 3.09 -5.58 -20.22
C ARG B 287 2.41 -5.45 -21.58
N LEU B 288 1.86 -6.57 -22.08
CA LEU B 288 1.08 -6.57 -23.35
C LEU B 288 -0.20 -5.76 -23.19
N THR B 289 -0.74 -5.28 -24.29
CA THR B 289 -2.06 -4.63 -24.31
C THR B 289 -3.15 -5.71 -24.40
N ALA B 290 -4.38 -5.34 -24.04
CA ALA B 290 -5.52 -6.23 -24.21
C ALA B 290 -5.70 -6.61 -25.70
N LEU B 291 -5.53 -5.63 -26.59
CA LEU B 291 -5.67 -5.96 -28.04
C LEU B 291 -4.61 -6.96 -28.47
N ARG B 292 -3.38 -6.80 -28.03
CA ARG B 292 -2.30 -7.75 -28.39
C ARG B 292 -2.63 -9.14 -27.83
N ILE B 293 -3.15 -9.21 -26.60
CA ILE B 293 -3.53 -10.52 -26.05
C ILE B 293 -4.63 -11.15 -26.90
N LYS B 294 -5.64 -10.36 -27.27
CA LYS B 294 -6.75 -10.89 -28.09
C LYS B 294 -6.19 -11.42 -29.43
N LYS B 295 -5.28 -10.67 -30.03
CA LYS B 295 -4.72 -11.07 -31.36
C LYS B 295 -3.94 -12.35 -31.18
N THR B 296 -3.15 -12.42 -30.12
CA THR B 296 -2.33 -13.62 -29.86
C THR B 296 -3.21 -14.85 -29.66
N LEU B 297 -4.26 -14.74 -28.85
CA LEU B 297 -5.17 -15.85 -28.56
C LEU B 297 -5.95 -16.27 -29.80
N THR B 298 -6.23 -15.33 -30.67
CA THR B 298 -6.92 -15.60 -31.94
C THR B 298 -6.04 -16.49 -32.81
N LYS B 299 -4.72 -16.33 -32.73
CA LYS B 299 -3.72 -17.07 -33.56
C LYS B 299 -3.37 -18.43 -32.93
N ILE B 300 -3.48 -18.59 -31.60
CA ILE B 300 -3.06 -19.81 -30.85
C ILE B 300 -4.13 -20.88 -31.10
N ASP B 301 -3.74 -22.14 -31.28
CA ASP B 301 -4.69 -23.29 -31.26
C ASP B 301 -4.10 -24.42 -30.42
C10 LU8 C . 13.32 2.87 25.97
C10 LU8 C . 13.58 3.32 25.56
C13 LU8 C . 17.10 3.27 26.63
C13 LU8 C . 17.31 3.99 25.85
C15 LU8 C . 18.82 2.02 27.89
C15 LU8 C . 19.11 2.79 27.19
C17 LU8 C . 20.07 0.40 29.54
C17 LU8 C . 20.76 3.57 29.02
C20 LU8 C . 21.02 1.05 27.26
C20 LU8 C . 21.51 3.41 26.75
C21 LU8 C . 19.54 1.15 26.87
C21 LU8 C . 20.07 3.47 26.23
C22 LU8 C . 16.34 1.36 27.76
C22 LU8 C . 16.72 2.11 27.22
C24 LU8 C . 12.67 4.08 25.76
C24 LU8 C . 12.81 4.47 25.40
C26 LU8 C . 11.17 6.29 24.05
C26 LU8 C . 10.97 6.43 23.82
C01 LU8 C . 6.95 6.17 26.80
C01 LU8 C . 7.00 6.08 26.84
C03 LU8 C . 8.66 6.70 25.18
C03 LU8 C . 8.63 6.82 25.24
C04 LU8 C . 9.38 5.53 25.45
C04 LU8 C . 9.41 5.70 25.48
C05 LU8 C . 10.63 5.31 24.91
C05 LU8 C . 10.59 5.52 24.81
C06 LU8 C . 11.38 4.06 25.23
C06 LU8 C . 11.47 4.34 25.04
C07 LU8 C . 10.79 2.86 24.97
C07 LU8 C . 10.94 3.06 24.85
C09 LU8 C . 12.62 1.71 25.68
C09 LU8 C . 12.98 2.10 25.37
C11 LU8 C . 14.74 2.68 26.51
C11 LU8 C . 15.02 3.28 25.97
C12 LU8 C . 15.78 3.50 26.13
C12 LU8 C . 15.97 4.14 25.45
C14 LU8 C . 17.39 2.21 27.44
C14 LU8 C . 17.68 2.98 26.75
C16 LU8 C . 18.95 1.44 29.31
C16 LU8 C . 19.28 3.35 28.60
C19 LU8 C . 22.47 0.49 29.12
C19 LU8 C . 21.13 5.58 27.61
C23 LU8 C . 15.02 1.60 27.34
C23 LU8 C . 15.38 2.26 26.80
C25 LU8 C . 13.33 5.38 26.09
C25 LU8 C . 13.43 5.81 25.70
C27 LU8 C . 10.43 7.44 23.78
C27 LU8 C . 10.16 7.55 23.58
C29 LU8 C . 12.06 8.24 22.15
C29 LU8 C . 11.77 8.44 22.06
C30 LU8 C . 9.21 7.67 24.38
C30 LU8 C . 9.02 7.75 24.30
C32 LU8 C . 7.43 8.80 23.21
C32 LU8 C . 7.09 8.59 23.23
N08 LU8 C . 11.40 1.68 25.17
N08 LU8 C . 11.70 1.96 25.01
N18 LU8 C . 21.14 0.27 28.50
N18 LU8 C . 21.55 4.23 27.97
O02 LU8 C . 7.43 7.01 25.74
O02 LU8 C . 7.48 7.08 25.94
O28 LU8 C . 10.88 8.40 22.92
O28 LU8 C . 10.46 8.52 22.63
O31 LU8 C . 8.52 8.86 24.10
O31 LU8 C . 8.22 8.84 24.04
C1 EDO D . 5.11 -1.83 17.70
O1 EDO D . 4.59 -2.93 18.51
C2 EDO D . 6.34 -1.35 18.45
O2 EDO D . 6.26 -1.17 19.89
C1 EDO E . 29.30 18.78 4.84
O1 EDO E . 30.66 18.78 5.38
C2 EDO E . 28.19 18.95 5.82
O2 EDO E . 28.19 18.08 7.01
C1 EDO F . 21.26 34.87 3.86
O1 EDO F . 21.75 35.40 2.63
C2 EDO F . 21.80 35.52 5.09
O2 EDO F . 22.91 34.90 5.70
C1 EDO G . 27.67 18.75 16.62
O1 EDO G . 27.69 19.33 15.49
C2 EDO G . 28.96 18.18 16.88
O2 EDO G . 28.62 17.46 17.96
S DMS H . 1.09 -6.91 23.22
O DMS H . -0.07 -6.41 24.07
C1 DMS H . 0.72 -8.60 22.84
C2 DMS H . 0.91 -6.21 21.60
C10 LU8 I . -8.59 -2.73 31.96
C13 LU8 I . -10.95 -3.07 29.07
C15 LU8 I . -13.38 -3.48 28.79
C17 LU8 I . -15.29 -4.87 27.93
C20 LU8 I . -15.67 -2.54 28.24
C21 LU8 I . -14.36 -2.35 29.04
C22 LU8 I . -12.17 -3.33 31.11
C24 LU8 I . -7.75 -1.58 31.86
C26 LU8 I . -6.56 0.84 33.29
C01 LU8 I . -1.66 0.00 32.17
C03 LU8 I . -3.76 0.91 33.07
C04 LU8 I . -4.39 -0.27 32.79
C05 LU8 I . -5.79 -0.29 32.84
C06 LU8 I . -6.66 -1.49 32.70
C07 LU8 I . -6.44 -2.47 33.69
C09 LU8 I . -8.25 -3.70 32.90
C11 LU8 I . -9.75 -2.96 31.15
C12 LU8 I . -9.75 -2.91 29.77
C14 LU8 I . -12.16 -3.31 29.71
C16 LU8 I . -14.05 -4.81 28.87
C19 LU8 I . -16.57 -3.59 26.18
C23 LU8 I . -10.98 -3.16 31.81
C25 LU8 I . -7.95 -0.57 30.76
C27 LU8 I . -5.87 2.04 33.57
C29 LU8 I . -7.93 3.29 33.93
C30 LU8 I . -4.49 2.03 33.46
C32 LU8 I . -3.26 3.96 32.68
N08 LU8 I . -7.22 -3.58 33.75
N18 LU8 I . -15.49 -3.59 27.22
O02 LU8 I . -2.37 1.02 32.95
O28 LU8 I . -6.50 3.21 33.99
O31 LU8 I . -3.83 3.21 33.77
C10 LU8 J . -8.89 -6.02 28.38
C13 LU8 J . -11.85 -7.21 26.39
C15 LU8 J . -13.10 -6.24 24.36
C17 LU8 J . -14.34 -7.76 22.67
C20 LU8 J . -15.25 -5.62 23.51
C21 LU8 J . -14.43 -5.75 24.80
C22 LU8 J . -11.20 -5.14 25.48
C24 LU8 J . -7.55 -5.67 28.13
C26 LU8 J . -4.89 -3.85 28.59
C01 LU8 J . -2.11 -7.93 28.49
C03 LU8 J . -2.91 -5.70 28.44
C04 LU8 J . -4.19 -6.11 28.77
C05 LU8 J . -5.21 -5.19 28.87
C06 LU8 J . -6.63 -5.59 29.16
C07 LU8 J . -7.03 -5.91 30.45
C09 LU8 J . -9.15 -6.36 29.72
C11 LU8 J . -9.95 -6.11 27.37
C12 LU8 J . -10.87 -7.17 27.32
C14 LU8 J . -12.06 -6.20 25.44
C16 LU8 J . -13.29 -7.64 23.77
C19 LU8 J . -16.48 -7.70 23.76
C23 LU8 J . -10.20 -5.09 26.42
C25 LU8 J . -7.12 -5.41 26.71
C27 LU8 J . -3.63 -3.47 28.30
C29 LU8 J . -4.22 -1.14 28.14
C30 LU8 J . -2.61 -4.39 28.16
C32 LU8 J . -0.44 -3.60 28.69
N08 LU8 J . -8.32 -6.26 30.69
N18 LU8 J . -15.55 -6.95 22.92
O02 LU8 J . -1.82 -6.51 28.32
O28 LU8 J . -3.27 -2.18 27.99
O31 LU8 J . -1.38 -4.01 27.75
C01 XKV K . 25.20 -9.51 12.25
C02 XKV K . 23.84 -8.85 12.45
C03 XKV K . 23.87 -7.76 13.55
N04 XKV K . 22.52 -7.34 13.92
C05 XKV K . 24.68 -6.55 13.06
N06 XKV K . 24.93 -5.56 14.08
O07 XKV K . 25.06 -6.42 11.93
S SO4 L . 11.38 -5.95 21.58
O1 SO4 L . 10.01 -5.57 21.23
O2 SO4 L . 11.89 -6.88 20.60
O3 SO4 L . 12.18 -4.84 21.61
O4 SO4 L . 11.40 -6.58 22.89
S SO4 M . 36.47 10.56 2.36
O1 SO4 M . 36.04 10.30 1.03
O2 SO4 M . 36.56 9.36 3.13
O3 SO4 M . 35.48 11.43 2.97
O4 SO4 M . 37.72 11.32 2.39
S SO4 N . 22.16 18.65 19.23
O1 SO4 N . 21.59 18.49 17.92
O2 SO4 N . 23.55 18.96 19.17
O3 SO4 N . 21.97 17.45 20.02
O4 SO4 N . 21.44 19.75 19.90
C1 EDO O . -3.82 2.09 11.53
O1 EDO O . -2.61 1.99 12.26
C2 EDO O . -4.91 3.01 11.91
O2 EDO O . -5.98 2.39 12.63
C1 EDO P . -17.48 -2.04 33.20
O1 EDO P . -17.67 -3.22 33.94
C2 EDO P . -16.60 -2.24 32.03
O2 EDO P . -16.11 -3.57 31.99
C1 EDO Q . 37.92 -0.05 -1.49
O1 EDO Q . 37.71 -0.37 -2.85
C2 EDO Q . 36.84 0.61 -0.66
O2 EDO Q . 37.25 0.78 0.57
C1 EDO R . 16.43 16.60 25.82
O1 EDO R . 17.49 17.10 26.61
C2 EDO R . 15.59 17.68 25.30
O2 EDO R . 14.24 17.29 25.12
C1 EDO S . 35.53 11.94 11.56
O1 EDO S . 35.54 12.99 10.60
C2 EDO S . 34.39 10.95 11.44
O2 EDO S . 34.05 10.53 10.09
C10 LU8 T . -24.67 -15.31 -11.05
C13 LU8 T . -25.22 -18.75 -9.56
C15 LU8 T . -23.85 -20.33 -8.32
C17 LU8 T . -22.20 -22.20 -7.67
C20 LU8 T . -24.13 -21.71 -6.33
C21 LU8 T . -24.33 -20.30 -6.90
C22 LU8 T . -22.97 -18.04 -9.07
C24 LU8 T . -24.19 -14.06 -10.58
C26 LU8 T . -22.59 -11.35 -10.80
C01 LU8 T . -26.64 -8.32 -10.74
C03 LU8 T . -24.38 -9.23 -10.66
C04 LU8 T . -24.86 -10.47 -10.98
C05 LU8 T . -23.97 -11.55 -11.06
C06 LU8 T . -24.46 -12.93 -11.43
C07 LU8 T . -25.13 -13.06 -12.64
C09 LU8 T . -25.29 -15.38 -12.26
C11 LU8 T . -24.44 -16.59 -10.29
C12 LU8 T . -25.47 -17.51 -10.25
C14 LU8 T . -24.02 -18.97 -8.99
C16 LU8 T . -22.39 -20.81 -8.33
C19 LU8 T . -22.36 -23.16 -5.39
C23 LU8 T . -23.17 -16.86 -9.73
C25 LU8 T . -23.51 -13.90 -9.20
C27 LU8 T . -22.16 -10.07 -10.51
C29 LU8 T . -19.87 -10.80 -10.27
C30 LU8 T . -23.05 -9.03 -10.40
C32 LU8 T . -22.36 -6.84 -11.05
N08 LU8 T . -25.55 -14.33 -13.05
N18 LU8 T . -22.68 -22.00 -6.28
O02 LU8 T . -25.24 -8.15 -10.56
O28 LU8 T . -20.84 -9.73 -10.22
O31 LU8 T . -22.62 -7.78 -10.03
S SO4 U . -26.59 -17.90 -20.74
O1 SO4 U . -27.85 -18.42 -20.29
O2 SO4 U . -26.09 -18.66 -21.88
O3 SO4 U . -26.70 -16.50 -21.15
O4 SO4 U . -25.68 -17.99 -19.63
C1 EDO V . 5.17 -18.66 -6.65
O1 EDO V . 5.43 -19.79 -5.72
C2 EDO V . 3.95 -17.85 -6.38
O2 EDO V . 2.69 -18.51 -6.29
S DMS W . -0.52 -7.47 -36.17
O DMS W . -1.19 -8.31 -35.12
C1 DMS W . -0.94 -5.78 -35.84
C2 DMS W . 1.22 -7.37 -35.75
S SO4 X . -17.05 -10.87 -0.05
O1 SO4 X . -17.80 -11.85 -0.80
O2 SO4 X . -15.65 -11.24 -0.06
O3 SO4 X . -17.53 -10.84 1.31
O4 SO4 X . -17.18 -9.56 -0.65
S SO4 Y . -10.69 -8.68 -0.80
O1 SO4 Y . -11.12 -9.98 -1.28
O2 SO4 Y . -9.42 -8.49 -1.20
O3 SO4 Y . -11.51 -7.59 -1.34
O4 SO4 Y . -10.78 -8.66 0.66
C1 EDO Z . -23.47 -10.78 -22.33
O1 EDO Z . -23.64 -9.53 -22.91
C2 EDO Z . -23.96 -11.23 -20.97
O2 EDO Z . -25.05 -10.83 -20.27
C1 EDO AA . 10.32 -6.14 -14.66
O1 EDO AA . 9.74 -5.49 -15.77
C2 EDO AA . 10.78 -7.52 -15.02
O2 EDO AA . 9.79 -8.52 -14.77
C1 EDO BA . -8.29 -36.19 -17.30
O1 EDO BA . -7.31 -36.72 -18.18
C2 EDO BA . -7.67 -35.56 -16.11
O2 EDO BA . -6.34 -36.01 -15.87
#